data_6P4V
#
_entry.id   6P4V
#
_cell.length_a   104.466
_cell.length_b   104.466
_cell.length_c   159.490
_cell.angle_alpha   90.00
_cell.angle_beta   90.00
_cell.angle_gamma   120.00
#
_symmetry.space_group_name_H-M   'P 32 2 1'
#
loop_
_entity.id
_entity.type
_entity.pdbx_description
1 polymer 'Deoxyhypusine synthase'
2 non-polymer NICOTINAMIDE-ADENINE-DINUCLEOTIDE
3 non-polymer 1-GUANIDINIUM-7-AMINOHEPTANE
4 non-polymer (4S)-2-METHYL-2,4-PENTANEDIOL
5 water water
#
_entity_poly.entity_id   1
_entity_poly.type   'polypeptide(L)'
_entity_poly.pdbx_seq_one_letter_code
;GGSMEGSLEREAPAGALAAVLKHSSTLPPESTQVRGYDFNRGVNYRALLEAFGTTGFQATNFGRAVQQVNAMIEKKLEPL
SQDEDQHADLTQSRRPLTSCTIFLGYTSNLISSGIRETIRYLVQHNMVDVLVTTAGGVEEDLIKCLAPTYLGEFSLRGKE
LRENGINRIGNLLVPNENYCKFEDWLMPILDQMVMEQNTEGVKWTPSKMIARLGKEINNPESVYYWAQKNHIPVFSPALT
DGSLGDMIFFHSYKNPGLVLDIVEDLRLINTQAIFAKCTGMIILGGGVVKHHIANANLMRNGADYAVYINTAQEFDGSDS
GARPDEAVSWGKIRVDAQPVKVYADASLVFPLLVAETFAQKMDAFMHEKNED
;
_entity_poly.pdbx_strand_id   A,B
#
loop_
_chem_comp.id
_chem_comp.type
_chem_comp.name
_chem_comp.formula
GC7 non-polymer 1-GUANIDINIUM-7-AMINOHEPTANE 'C8 H22 N4'
MPD non-polymer (4S)-2-METHYL-2,4-PENTANEDIOL 'C6 H14 O2'
NAD non-polymer NICOTINAMIDE-ADENINE-DINUCLEOTIDE 'C21 H27 N7 O14 P2'
#
# COMPACT_ATOMS: atom_id res chain seq x y z
N SER A 31 -24.28 0.02 -31.74
CA SER A 31 -25.17 0.02 -30.53
C SER A 31 -25.54 -1.41 -30.11
N THR A 32 -25.09 -1.81 -28.94
CA THR A 32 -25.29 -3.20 -28.48
C THR A 32 -26.47 -3.29 -27.52
N GLN A 33 -27.35 -4.25 -27.78
CA GLN A 33 -28.55 -4.45 -26.96
C GLN A 33 -28.23 -5.24 -25.71
N VAL A 34 -28.90 -4.89 -24.62
CA VAL A 34 -28.78 -5.65 -23.38
C VAL A 34 -29.51 -6.99 -23.50
N ARG A 35 -28.83 -8.07 -23.17
CA ARG A 35 -29.41 -9.38 -23.24
C ARG A 35 -28.56 -10.32 -22.40
N GLY A 36 -29.19 -11.05 -21.48
CA GLY A 36 -28.46 -12.02 -20.67
C GLY A 36 -28.44 -13.38 -21.33
N TYR A 37 -27.60 -14.25 -20.80
CA TYR A 37 -27.51 -15.63 -21.27
C TYR A 37 -28.86 -16.32 -21.05
N ASP A 38 -29.31 -17.05 -22.07
CA ASP A 38 -30.58 -17.76 -22.01
C ASP A 38 -30.32 -19.23 -21.68
N PHE A 39 -30.60 -19.63 -20.44
CA PHE A 39 -30.31 -21.00 -20.00
C PHE A 39 -31.21 -22.05 -20.67
N ASN A 40 -32.21 -21.63 -21.44
CA ASN A 40 -32.90 -22.59 -22.29
C ASN A 40 -31.96 -23.23 -23.30
N ARG A 41 -30.81 -22.59 -23.57
CA ARG A 41 -29.79 -23.15 -24.46
C ARG A 41 -28.94 -24.22 -23.77
N GLY A 42 -29.13 -24.39 -22.46
CA GLY A 42 -28.32 -25.31 -21.68
C GLY A 42 -27.15 -24.59 -21.02
N VAL A 43 -26.40 -25.33 -20.22
CA VAL A 43 -25.24 -24.76 -19.54
C VAL A 43 -24.02 -24.89 -20.45
N ASN A 44 -23.96 -23.99 -21.42
CA ASN A 44 -22.84 -23.82 -22.32
C ASN A 44 -21.97 -22.74 -21.71
N TYR A 45 -20.96 -23.13 -20.95
CA TYR A 45 -20.21 -22.18 -20.14
C TYR A 45 -19.51 -21.11 -20.94
N ARG A 46 -18.93 -21.46 -22.08
CA ARG A 46 -18.25 -20.43 -22.88
CA ARG A 46 -18.26 -20.46 -22.92
C ARG A 46 -19.25 -19.36 -23.32
N ALA A 47 -20.44 -19.78 -23.73
CA ALA A 47 -21.48 -18.87 -24.18
C ALA A 47 -21.97 -18.04 -23.00
N LEU A 48 -22.08 -18.66 -21.83
CA LEU A 48 -22.50 -17.97 -20.61
C LEU A 48 -21.52 -16.84 -20.26
N LEU A 49 -20.24 -17.14 -20.35
CA LEU A 49 -19.23 -16.13 -20.03
C LEU A 49 -19.22 -15.01 -21.06
N GLU A 50 -19.34 -15.35 -22.34
CA GLU A 50 -19.39 -14.32 -23.39
C GLU A 50 -20.58 -13.38 -23.19
N ALA A 51 -21.69 -13.93 -22.72
CA ALA A 51 -22.92 -13.14 -22.49
C ALA A 51 -22.79 -12.11 -21.37
N PHE A 52 -21.77 -12.22 -20.52
CA PHE A 52 -21.55 -11.17 -19.51
C PHE A 52 -21.43 -9.80 -20.17
N GLY A 53 -20.78 -9.75 -21.32
CA GLY A 53 -20.58 -8.49 -22.03
C GLY A 53 -21.83 -7.70 -22.33
N THR A 54 -22.93 -8.40 -22.60
CA THR A 54 -24.21 -7.72 -22.90
C THR A 54 -25.16 -7.74 -21.70
N THR A 55 -24.70 -8.17 -20.53
CA THR A 55 -25.57 -8.29 -19.36
C THR A 55 -25.71 -6.95 -18.60
N GLY A 56 -24.69 -6.11 -18.66
CA GLY A 56 -24.74 -4.78 -18.01
C GLY A 56 -24.02 -4.73 -16.68
N PHE A 57 -23.89 -3.51 -16.16
CA PHE A 57 -23.22 -3.25 -14.88
C PHE A 57 -21.83 -3.91 -14.88
N GLN A 58 -21.44 -4.58 -13.81
CA GLN A 58 -20.08 -5.13 -13.76
C GLN A 58 -19.91 -6.37 -14.65
N ALA A 59 -20.99 -7.06 -15.00
CA ALA A 59 -20.88 -8.12 -16.00
C ALA A 59 -20.32 -7.56 -17.31
N THR A 60 -20.84 -6.43 -17.73
CA THR A 60 -20.35 -5.78 -18.95
C THR A 60 -18.89 -5.37 -18.79
N ASN A 61 -18.53 -4.84 -17.63
CA ASN A 61 -17.12 -4.47 -17.41
C ASN A 61 -16.21 -5.69 -17.43
N PHE A 62 -16.70 -6.83 -16.93
CA PHE A 62 -15.95 -8.10 -17.07
C PHE A 62 -15.72 -8.41 -18.54
N GLY A 63 -16.77 -8.34 -19.36
CA GLY A 63 -16.64 -8.57 -20.79
C GLY A 63 -15.62 -7.65 -21.43
N ARG A 64 -15.64 -6.39 -21.03
CA ARG A 64 -14.66 -5.43 -21.51
C ARG A 64 -13.25 -5.77 -21.05
N ALA A 65 -13.11 -6.29 -19.83
CA ALA A 65 -11.80 -6.68 -19.32
C ALA A 65 -11.24 -7.85 -20.11
N VAL A 66 -12.10 -8.82 -20.45
CA VAL A 66 -11.68 -9.94 -21.28
C VAL A 66 -11.13 -9.41 -22.60
N GLN A 67 -11.83 -8.48 -23.22
CA GLN A 67 -11.38 -7.91 -24.49
C GLN A 67 -10.03 -7.20 -24.34
N GLN A 68 -9.88 -6.47 -23.24
CA GLN A 68 -8.66 -5.70 -23.03
C GLN A 68 -7.45 -6.60 -22.76
N VAL A 69 -7.62 -7.63 -21.94
CA VAL A 69 -6.53 -8.60 -21.70
C VAL A 69 -6.21 -9.36 -22.98
N ASN A 70 -7.22 -9.75 -23.75
CA ASN A 70 -6.94 -10.43 -25.01
C ASN A 70 -6.18 -9.54 -25.99
N ALA A 71 -6.43 -8.24 -25.93
CA ALA A 71 -5.67 -7.27 -26.73
C ALA A 71 -4.21 -7.23 -26.31
N MET A 72 -3.95 -7.29 -25.00
CA MET A 72 -2.58 -7.37 -24.49
C MET A 72 -1.89 -8.62 -24.99
N ILE A 73 -2.60 -9.75 -24.94
CA ILE A 73 -2.04 -11.04 -25.33
C ILE A 73 -1.76 -11.05 -26.82
N GLU A 74 -2.72 -10.61 -27.62
CA GLU A 74 -2.54 -10.52 -29.06
C GLU A 74 -1.33 -9.66 -29.41
N LYS A 75 -1.16 -8.55 -28.71
CA LYS A 75 0.00 -7.69 -28.94
C LYS A 75 1.29 -8.40 -28.55
N LYS A 76 1.26 -9.06 -27.40
CA LYS A 76 2.42 -9.79 -26.89
C LYS A 76 2.91 -10.85 -27.88
N LEU A 77 1.99 -11.49 -28.60
CA LEU A 77 2.33 -12.56 -29.52
C LEU A 77 2.74 -12.04 -30.90
N GLU A 78 2.55 -10.75 -31.13
CA GLU A 78 2.99 -10.09 -32.36
C GLU A 78 4.51 -10.05 -32.40
N PRO A 79 5.12 -10.34 -33.57
CA PRO A 79 6.58 -10.31 -33.59
C PRO A 79 7.11 -8.87 -33.41
N LEU A 80 8.31 -8.76 -32.84
CA LEU A 80 9.00 -7.49 -32.76
C LEU A 80 9.66 -7.24 -34.11
N SER A 81 9.45 -6.05 -34.66
CA SER A 81 10.17 -5.63 -35.86
C SER A 81 11.63 -5.35 -35.44
N GLN A 82 12.51 -5.25 -36.43
CA GLN A 82 13.90 -4.85 -36.19
C GLN A 82 14.01 -3.63 -35.26
N ASP A 83 13.24 -2.57 -35.57
CA ASP A 83 13.34 -1.31 -34.84
C ASP A 83 12.88 -1.49 -33.40
N GLU A 84 11.79 -2.23 -33.23
CA GLU A 84 11.19 -2.43 -31.92
C GLU A 84 12.05 -3.34 -31.05
N ASP A 85 12.65 -4.35 -31.67
CA ASP A 85 13.56 -5.24 -30.97
C ASP A 85 14.76 -4.47 -30.41
N GLN A 86 15.35 -3.61 -31.25
CA GLN A 86 16.51 -2.83 -30.83
C GLN A 86 16.21 -2.08 -29.54
N HIS A 87 15.09 -1.34 -29.54
CA HIS A 87 14.72 -0.51 -28.41
C HIS A 87 14.35 -1.34 -27.18
N ALA A 88 13.62 -2.42 -27.40
CA ALA A 88 13.18 -3.29 -26.28
C ALA A 88 14.36 -4.01 -25.62
N ASP A 89 15.45 -4.21 -26.37
CA ASP A 89 16.63 -4.93 -25.87
C ASP A 89 17.57 -4.05 -25.04
N LEU A 90 17.15 -2.81 -24.75
CA LEU A 90 18.03 -1.84 -24.06
C LEU A 90 18.00 -1.95 -22.53
N THR A 91 17.41 -3.01 -21.98
CA THR A 91 17.52 -3.31 -20.55
C THR A 91 18.54 -4.42 -20.36
N GLN A 92 19.05 -4.57 -19.13
CA GLN A 92 20.07 -5.58 -18.85
C GLN A 92 19.47 -6.95 -18.50
N SER A 93 18.15 -7.02 -18.30
CA SER A 93 17.49 -8.27 -17.95
C SER A 93 17.58 -9.29 -19.09
N ARG A 94 17.71 -10.57 -18.73
CA ARG A 94 17.88 -11.65 -19.70
C ARG A 94 16.56 -12.28 -20.13
N ARG A 95 15.45 -11.76 -19.61
CA ARG A 95 14.12 -12.20 -20.02
C ARG A 95 13.89 -11.87 -21.50
N PRO A 96 13.41 -12.86 -22.30
CA PRO A 96 13.24 -12.61 -23.73
C PRO A 96 12.20 -11.53 -24.02
N LEU A 97 12.37 -10.87 -25.16
CA LEU A 97 11.60 -9.67 -25.48
C LEU A 97 10.27 -10.03 -26.06
N THR A 98 9.23 -9.29 -25.67
CA THR A 98 7.96 -9.45 -26.34
C THR A 98 7.41 -8.10 -26.72
N SER A 99 6.38 -8.12 -27.55
CA SER A 99 5.78 -6.90 -28.06
C SER A 99 4.86 -6.26 -27.05
N CYS A 100 4.57 -6.93 -25.94
CA CYS A 100 3.81 -6.27 -24.85
C CYS A 100 4.25 -6.75 -23.49
N THR A 101 4.78 -5.83 -22.69
CA THR A 101 5.27 -6.12 -21.36
C THR A 101 4.09 -6.00 -20.42
N ILE A 102 3.72 -7.09 -19.77
CA ILE A 102 2.54 -7.10 -18.91
C ILE A 102 2.97 -7.09 -17.44
N PHE A 103 2.47 -6.08 -16.74
CA PHE A 103 2.66 -5.90 -15.29
C PHE A 103 1.46 -6.47 -14.59
N LEU A 104 1.70 -7.39 -13.65
CA LEU A 104 0.64 -7.95 -12.85
C LEU A 104 0.86 -7.57 -11.39
N GLY A 105 -0.12 -6.86 -10.84
CA GLY A 105 -0.10 -6.45 -9.44
C GLY A 105 -1.22 -7.11 -8.65
N TYR A 106 -0.94 -7.43 -7.39
CA TYR A 106 -1.95 -8.01 -6.51
C TYR A 106 -1.65 -7.75 -5.05
N THR A 107 -2.69 -7.43 -4.31
CA THR A 107 -2.60 -7.28 -2.87
C THR A 107 -2.27 -8.60 -2.16
N SER A 108 -1.72 -8.49 -0.96
CA SER A 108 -1.20 -9.65 -0.22
C SER A 108 -2.27 -10.70 0.02
N ASN A 109 -3.46 -10.25 0.38
CA ASN A 109 -4.56 -11.17 0.69
C ASN A 109 -4.93 -12.10 -0.45
N LEU A 110 -4.62 -11.70 -1.69
CA LEU A 110 -4.92 -12.55 -2.84
C LEU A 110 -3.98 -13.75 -2.90
N ILE A 111 -2.80 -13.64 -2.27
CA ILE A 111 -1.91 -14.81 -2.09
C ILE A 111 -2.35 -15.66 -0.92
N SER A 112 -2.97 -15.06 0.10
CA SER A 112 -3.63 -15.82 1.16
C SER A 112 -4.72 -16.70 0.56
N SER A 113 -5.43 -16.15 -0.42
CA SER A 113 -6.52 -16.83 -1.12
C SER A 113 -6.00 -17.85 -2.15
N GLY A 114 -6.93 -18.57 -2.76
CA GLY A 114 -6.62 -19.51 -3.83
C GLY A 114 -6.20 -18.85 -5.11
N ILE A 115 -6.33 -17.52 -5.19
CA ILE A 115 -5.81 -16.79 -6.35
C ILE A 115 -4.29 -16.96 -6.49
N ARG A 116 -3.64 -17.35 -5.40
CA ARG A 116 -2.24 -17.79 -5.45
C ARG A 116 -2.00 -18.81 -6.57
N GLU A 117 -2.92 -19.75 -6.75
CA GLU A 117 -2.79 -20.77 -7.80
C GLU A 117 -2.92 -20.17 -9.20
N THR A 118 -3.81 -19.19 -9.34
CA THR A 118 -4.04 -18.51 -10.60
C THR A 118 -2.79 -17.72 -11.03
N ILE A 119 -2.25 -16.96 -10.10
CA ILE A 119 -1.02 -16.19 -10.33
C ILE A 119 0.15 -17.12 -10.63
N ARG A 120 0.28 -18.20 -9.86
CA ARG A 120 1.39 -19.12 -10.10
C ARG A 120 1.35 -19.65 -11.53
N TYR A 121 0.16 -19.98 -12.00
CA TYR A 121 0.02 -20.54 -13.35
C TYR A 121 0.51 -19.55 -14.39
N LEU A 122 0.09 -18.29 -14.28
CA LEU A 122 0.51 -17.26 -15.23
C LEU A 122 2.02 -17.08 -15.24
N VAL A 123 2.63 -17.16 -14.05
CA VAL A 123 4.07 -16.92 -13.90
C VAL A 123 4.85 -18.13 -14.42
N GLN A 124 4.36 -19.32 -14.08
CA GLN A 124 4.91 -20.59 -14.56
C GLN A 124 5.10 -20.61 -16.08
N HIS A 125 4.12 -20.07 -16.79
CA HIS A 125 4.10 -20.15 -18.25
C HIS A 125 4.50 -18.85 -18.94
N ASN A 126 5.18 -17.96 -18.22
CA ASN A 126 5.74 -16.73 -18.83
C ASN A 126 4.69 -15.83 -19.48
N MET A 127 3.50 -15.79 -18.90
CA MET A 127 2.41 -15.05 -19.51
C MET A 127 2.42 -13.59 -19.09
N VAL A 128 3.11 -13.29 -17.99
CA VAL A 128 3.29 -11.90 -17.54
C VAL A 128 4.79 -11.65 -17.33
N ASP A 129 5.17 -10.37 -17.23
CA ASP A 129 6.58 -10.00 -17.28
C ASP A 129 7.16 -9.38 -16.01
N VAL A 130 6.32 -8.70 -15.24
CA VAL A 130 6.72 -8.05 -13.99
C VAL A 130 5.63 -8.31 -12.97
N LEU A 131 6.01 -8.71 -11.76
CA LEU A 131 5.06 -8.82 -10.65
C LEU A 131 5.29 -7.69 -9.64
N VAL A 132 4.20 -7.18 -9.09
CA VAL A 132 4.27 -6.29 -7.92
C VAL A 132 3.28 -6.78 -6.88
N THR A 133 3.78 -6.99 -5.67
CA THR A 133 2.91 -7.36 -4.57
C THR A 133 3.49 -6.79 -3.29
N THR A 134 2.65 -6.67 -2.27
CA THR A 134 3.11 -6.28 -0.95
C THR A 134 3.72 -7.48 -0.21
N ALA A 135 4.26 -7.24 0.98
CA ALA A 135 5.10 -8.24 1.63
C ALA A 135 4.37 -9.55 1.93
N GLY A 136 3.12 -9.46 2.39
CA GLY A 136 2.31 -10.65 2.64
C GLY A 136 2.20 -11.54 1.41
N GLY A 137 2.09 -10.91 0.25
CA GLY A 137 1.97 -11.59 -1.02
C GLY A 137 3.24 -12.32 -1.44
N VAL A 138 4.37 -11.97 -0.83
CA VAL A 138 5.60 -12.75 -0.98
C VAL A 138 5.60 -13.89 0.02
N GLU A 139 5.56 -13.54 1.31
CA GLU A 139 5.79 -14.53 2.36
C GLU A 139 4.76 -15.66 2.37
N GLU A 140 3.50 -15.35 2.10
CA GLU A 140 2.48 -16.39 2.22
C GLU A 140 2.54 -17.43 1.12
N ASP A 141 3.09 -17.07 -0.05
CA ASP A 141 3.38 -18.04 -1.10
C ASP A 141 4.41 -19.07 -0.65
N LEU A 142 5.41 -18.58 0.07
CA LEU A 142 6.49 -19.43 0.56
C LEU A 142 5.95 -20.30 1.69
N ILE A 143 5.23 -19.69 2.62
CA ILE A 143 4.67 -20.40 3.77
C ILE A 143 3.71 -21.51 3.32
N LYS A 144 2.94 -21.27 2.26
CA LYS A 144 2.03 -22.29 1.73
C LYS A 144 2.72 -23.54 1.19
N CYS A 145 4.03 -23.43 0.91
CA CYS A 145 4.82 -24.63 0.59
C CYS A 145 5.19 -25.44 1.83
N LEU A 146 5.05 -24.81 3.00
CA LEU A 146 5.39 -25.43 4.30
C LEU A 146 4.16 -25.92 5.06
N ALA A 147 3.05 -25.18 4.97
CA ALA A 147 1.82 -25.53 5.68
C ALA A 147 0.63 -24.80 5.06
N PRO A 148 -0.56 -25.42 5.09
CA PRO A 148 -1.71 -24.81 4.41
C PRO A 148 -2.41 -23.71 5.21
N THR A 149 -3.16 -22.89 4.48
CA THR A 149 -4.12 -21.95 5.04
C THR A 149 -5.50 -22.59 4.95
N TYR A 150 -6.36 -22.32 5.93
CA TYR A 150 -7.66 -22.97 6.03
C TYR A 150 -8.84 -22.01 5.89
N LEU A 151 -9.99 -22.56 5.54
CA LEU A 151 -11.23 -21.78 5.50
C LEU A 151 -11.77 -21.57 6.91
N GLY A 152 -12.29 -20.37 7.16
CA GLY A 152 -12.94 -20.02 8.42
C GLY A 152 -14.18 -19.19 8.13
N GLU A 153 -14.39 -18.12 8.89
CA GLU A 153 -15.51 -17.20 8.71
C GLU A 153 -15.08 -15.82 9.21
N PHE A 154 -15.63 -14.77 8.61
CA PHE A 154 -15.32 -13.39 9.01
C PHE A 154 -15.67 -13.10 10.47
N SER A 155 -16.74 -13.71 10.98
CA SER A 155 -17.29 -13.33 12.28
C SER A 155 -16.55 -13.92 13.49
N LEU A 156 -15.63 -14.85 13.26
CA LEU A 156 -14.93 -15.50 14.35
C LEU A 156 -14.23 -14.48 15.26
N ARG A 157 -14.40 -14.61 16.58
CA ARG A 157 -13.91 -13.60 17.51
C ARG A 157 -12.42 -13.76 17.83
N GLY A 158 -11.73 -12.62 17.92
CA GLY A 158 -10.28 -12.58 18.02
C GLY A 158 -9.73 -13.19 19.29
N LYS A 159 -10.44 -12.99 20.41
CA LYS A 159 -10.00 -13.48 21.70
C LYS A 159 -9.85 -15.00 21.68
N GLU A 160 -10.91 -15.69 21.26
CA GLU A 160 -10.90 -17.16 21.21
C GLU A 160 -9.90 -17.68 20.17
N LEU A 161 -9.78 -17.01 19.03
CA LEU A 161 -8.79 -17.42 18.03
C LEU A 161 -7.38 -17.30 18.59
N ARG A 162 -7.10 -16.17 19.24
CA ARG A 162 -5.78 -15.91 19.81
CA ARG A 162 -5.79 -15.91 19.83
C ARG A 162 -5.45 -16.98 20.88
N GLU A 163 -6.43 -17.28 21.72
CA GLU A 163 -6.27 -18.29 22.77
C GLU A 163 -5.97 -19.69 22.21
N ASN A 164 -6.41 -19.96 20.99
CA ASN A 164 -6.18 -21.25 20.33
C ASN A 164 -5.06 -21.20 19.29
N GLY A 165 -4.31 -20.11 19.28
CA GLY A 165 -3.15 -19.99 18.41
C GLY A 165 -3.47 -19.97 16.93
N ILE A 166 -4.56 -19.27 16.58
CA ILE A 166 -5.02 -19.16 15.19
CA ILE A 166 -5.02 -19.16 15.19
C ILE A 166 -5.13 -17.69 14.81
N ASN A 167 -4.61 -17.34 13.63
CA ASN A 167 -4.67 -15.97 13.14
C ASN A 167 -5.67 -15.86 12.01
N ARG A 168 -6.48 -14.79 12.02
CA ARG A 168 -7.53 -14.61 11.00
C ARG A 168 -7.14 -13.68 9.84
N ILE A 169 -7.37 -14.15 8.62
CA ILE A 169 -7.29 -13.33 7.40
C ILE A 169 -8.65 -13.38 6.70
N GLY A 170 -9.49 -12.41 7.00
CA GLY A 170 -10.85 -12.39 6.45
C GLY A 170 -11.61 -13.63 6.90
N ASN A 171 -12.03 -14.45 5.94
CA ASN A 171 -12.68 -15.72 6.25
C ASN A 171 -11.70 -16.89 6.08
N LEU A 172 -10.41 -16.60 6.19
CA LEU A 172 -9.36 -17.63 6.20
C LEU A 172 -8.66 -17.66 7.57
N LEU A 173 -7.95 -18.76 7.81
CA LEU A 173 -7.29 -18.98 9.11
C LEU A 173 -5.89 -19.54 8.92
N VAL A 174 -4.92 -18.94 9.61
CA VAL A 174 -3.52 -19.36 9.54
C VAL A 174 -3.06 -19.73 10.95
N PRO A 175 -2.72 -21.00 11.19
CA PRO A 175 -2.18 -21.38 12.49
C PRO A 175 -0.84 -20.70 12.81
N ASN A 176 -0.64 -20.37 14.10
CA ASN A 176 0.66 -19.92 14.61
C ASN A 176 1.80 -20.78 14.08
N GLU A 177 1.58 -22.09 14.05
CA GLU A 177 2.63 -23.03 13.63
C GLU A 177 3.17 -22.77 12.22
N ASN A 178 2.35 -22.17 11.35
CA ASN A 178 2.80 -21.85 10.00
C ASN A 178 4.01 -20.90 10.03
N TYR A 179 3.95 -19.92 10.92
CA TYR A 179 5.02 -18.93 11.05
C TYR A 179 6.26 -19.47 11.78
N CYS A 180 6.06 -20.40 12.71
CA CYS A 180 7.19 -21.12 13.31
C CYS A 180 7.97 -21.86 12.24
N LYS A 181 7.25 -22.55 11.36
CA LYS A 181 7.87 -23.26 10.25
C LYS A 181 8.61 -22.32 9.31
N PHE A 182 8.03 -21.14 9.08
CA PHE A 182 8.65 -20.12 8.26
C PHE A 182 9.94 -19.61 8.90
N GLU A 183 9.94 -19.41 10.22
CA GLU A 183 11.15 -18.97 10.92
C GLU A 183 12.25 -20.00 10.74
N ASP A 184 11.93 -21.27 10.96
CA ASP A 184 12.90 -22.37 10.85
C ASP A 184 13.53 -22.45 9.46
N TRP A 185 12.71 -22.22 8.44
CA TRP A 185 13.14 -22.28 7.05
C TRP A 185 13.97 -21.05 6.69
N LEU A 186 13.54 -19.89 7.15
CA LEU A 186 14.08 -18.62 6.67
C LEU A 186 15.39 -18.21 7.35
N MET A 187 15.52 -18.47 8.64
CA MET A 187 16.67 -17.94 9.38
C MET A 187 18.02 -18.33 8.77
N PRO A 188 18.20 -19.59 8.38
CA PRO A 188 19.49 -19.96 7.75
C PRO A 188 19.73 -19.23 6.42
N ILE A 189 18.66 -18.92 5.69
CA ILE A 189 18.79 -18.16 4.45
C ILE A 189 19.24 -16.73 4.75
N LEU A 190 18.65 -16.11 5.78
CA LEU A 190 19.06 -14.78 6.19
C LEU A 190 20.54 -14.73 6.61
N ASP A 191 21.01 -15.78 7.27
CA ASP A 191 22.43 -15.88 7.62
C ASP A 191 23.30 -15.83 6.37
N GLN A 192 22.93 -16.64 5.37
CA GLN A 192 23.66 -16.66 4.11
C GLN A 192 23.63 -15.32 3.39
N MET A 193 22.48 -14.63 3.43
CA MET A 193 22.36 -13.34 2.77
C MET A 193 23.27 -12.27 3.39
N VAL A 194 23.37 -12.26 4.72
CA VAL A 194 24.23 -11.30 5.41
C VAL A 194 25.69 -11.60 5.07
N MET A 195 26.06 -12.86 5.09
CA MET A 195 27.43 -13.25 4.76
C MET A 195 27.79 -12.88 3.31
N GLU A 196 26.86 -13.09 2.38
CA GLU A 196 27.08 -12.74 0.98
C GLU A 196 27.20 -11.23 0.77
N GLN A 197 26.41 -10.47 1.53
CA GLN A 197 26.52 -9.02 1.55
C GLN A 197 27.92 -8.58 2.02
N ASN A 198 28.38 -9.18 3.11
CA ASN A 198 29.59 -8.69 3.77
C ASN A 198 30.87 -9.24 3.19
N THR A 199 30.82 -10.42 2.57
CA THR A 199 32.02 -11.06 2.02
C THR A 199 32.07 -11.11 0.49
N GLU A 200 30.94 -10.93 -0.17
CA GLU A 200 30.88 -11.00 -1.63
C GLU A 200 30.34 -9.72 -2.29
N GLY A 201 30.04 -8.71 -1.48
CA GLY A 201 29.57 -7.42 -2.00
C GLY A 201 28.17 -7.41 -2.60
N VAL A 202 27.33 -8.36 -2.22
CA VAL A 202 25.95 -8.39 -2.73
C VAL A 202 25.19 -7.22 -2.12
N LYS A 203 24.51 -6.45 -2.97
CA LYS A 203 23.69 -5.32 -2.56
C LYS A 203 22.22 -5.71 -2.70
N TRP A 204 21.64 -6.16 -1.60
CA TRP A 204 20.27 -6.68 -1.61
C TRP A 204 19.24 -5.57 -1.81
N THR A 205 18.19 -5.95 -2.51
CA THR A 205 16.99 -5.15 -2.68
C THR A 205 15.83 -6.13 -2.52
N PRO A 206 14.61 -5.63 -2.38
CA PRO A 206 13.47 -6.54 -2.26
C PRO A 206 13.38 -7.53 -3.44
N SER A 207 13.53 -7.05 -4.68
CA SER A 207 13.42 -7.96 -5.83
C SER A 207 14.48 -9.06 -5.80
N LYS A 208 15.70 -8.70 -5.42
CA LYS A 208 16.78 -9.68 -5.37
C LYS A 208 16.52 -10.70 -4.26
N MET A 209 16.01 -10.23 -3.12
CA MET A 209 15.65 -11.12 -2.04
C MET A 209 14.53 -12.07 -2.44
N ILE A 210 13.51 -11.56 -3.11
CA ILE A 210 12.38 -12.37 -3.53
C ILE A 210 12.82 -13.46 -4.51
N ALA A 211 13.72 -13.12 -5.43
CA ALA A 211 14.27 -14.12 -6.34
C ALA A 211 15.00 -15.21 -5.57
N ARG A 212 15.81 -14.80 -4.59
CA ARG A 212 16.57 -15.77 -3.80
C ARG A 212 15.63 -16.67 -3.00
N LEU A 213 14.60 -16.08 -2.39
CA LEU A 213 13.65 -16.88 -1.62
C LEU A 213 12.91 -17.89 -2.51
N GLY A 214 12.54 -17.46 -3.72
CA GLY A 214 11.94 -18.36 -4.70
C GLY A 214 12.84 -19.51 -5.09
N LYS A 215 14.12 -19.21 -5.30
CA LYS A 215 15.09 -20.25 -5.63
C LYS A 215 15.21 -21.23 -4.46
N GLU A 216 15.26 -20.71 -3.24
CA GLU A 216 15.41 -21.56 -2.04
C GLU A 216 14.20 -22.46 -1.80
N ILE A 217 12.99 -21.94 -2.00
CA ILE A 217 11.78 -22.74 -1.73
C ILE A 217 11.70 -23.95 -2.67
N ASN A 218 12.21 -23.80 -3.90
CA ASN A 218 12.47 -24.93 -4.80
C ASN A 218 11.25 -25.86 -4.94
N ASN A 219 10.10 -25.27 -5.21
CA ASN A 219 8.83 -25.96 -5.16
C ASN A 219 7.93 -25.42 -6.27
N PRO A 220 7.43 -26.32 -7.15
CA PRO A 220 6.65 -25.87 -8.32
C PRO A 220 5.26 -25.33 -8.01
N GLU A 221 4.83 -25.43 -6.76
CA GLU A 221 3.60 -24.79 -6.34
C GLU A 221 3.79 -23.31 -5.98
N SER A 222 5.04 -22.86 -5.90
CA SER A 222 5.37 -21.48 -5.53
C SER A 222 5.42 -20.51 -6.72
N VAL A 223 4.70 -19.39 -6.56
CA VAL A 223 4.77 -18.28 -7.51
C VAL A 223 6.22 -17.82 -7.70
N TYR A 224 6.93 -17.63 -6.59
CA TYR A 224 8.28 -17.01 -6.65
C TYR A 224 9.36 -17.97 -7.11
N TYR A 225 9.14 -19.26 -6.90
CA TYR A 225 9.99 -20.27 -7.54
C TYR A 225 9.95 -20.06 -9.06
N TRP A 226 8.74 -19.96 -9.61
CA TRP A 226 8.60 -19.81 -11.06
C TRP A 226 9.06 -18.45 -11.54
N ALA A 227 8.81 -17.41 -10.75
CA ALA A 227 9.23 -16.07 -11.13
C ALA A 227 10.76 -16.00 -11.36
N GLN A 228 11.54 -16.51 -10.41
CA GLN A 228 13.00 -16.46 -10.55
C GLN A 228 13.49 -17.37 -11.68
N LYS A 229 12.85 -18.53 -11.82
CA LYS A 229 13.22 -19.48 -12.86
C LYS A 229 13.02 -18.87 -14.24
N ASN A 230 11.96 -18.09 -14.40
CA ASN A 230 11.57 -17.49 -15.66
C ASN A 230 12.02 -16.05 -15.83
N HIS A 231 12.83 -15.56 -14.89
CA HIS A 231 13.44 -14.22 -14.95
C HIS A 231 12.37 -13.13 -14.94
N ILE A 232 11.34 -13.34 -14.14
CA ILE A 232 10.27 -12.37 -13.93
C ILE A 232 10.56 -11.67 -12.61
N PRO A 233 10.92 -10.38 -12.66
CA PRO A 233 11.24 -9.66 -11.42
C PRO A 233 10.00 -9.38 -10.60
N VAL A 234 10.15 -9.38 -9.28
CA VAL A 234 9.07 -9.10 -8.35
C VAL A 234 9.45 -7.90 -7.51
N PHE A 235 8.62 -6.86 -7.53
CA PHE A 235 8.87 -5.66 -6.75
C PHE A 235 7.93 -5.57 -5.56
N SER A 236 8.49 -5.11 -4.45
CA SER A 236 7.76 -5.01 -3.18
C SER A 236 8.51 -4.02 -2.28
N PRO A 237 8.29 -2.72 -2.51
CA PRO A 237 9.16 -1.73 -1.86
C PRO A 237 8.99 -1.66 -0.34
N ALA A 238 7.86 -2.11 0.20
CA ALA A 238 7.69 -2.22 1.67
C ALA A 238 7.75 -3.67 2.14
N LEU A 239 8.82 -4.37 1.75
CA LEU A 239 8.95 -5.81 2.02
C LEU A 239 9.02 -6.14 3.50
N THR A 240 9.37 -5.16 4.32
CA THR A 240 9.44 -5.31 5.76
C THR A 240 8.06 -5.32 6.45
N ASP A 241 6.99 -5.05 5.70
CA ASP A 241 5.65 -4.91 6.30
C ASP A 241 4.88 -6.24 6.35
N GLY A 242 5.34 -7.13 7.22
CA GLY A 242 4.75 -8.46 7.38
C GLY A 242 5.66 -9.40 8.15
N SER A 243 5.39 -10.69 8.00
CA SER A 243 6.15 -11.74 8.70
C SER A 243 7.62 -11.81 8.27
N LEU A 244 7.89 -11.66 6.97
CA LEU A 244 9.27 -11.62 6.50
C LEU A 244 10.01 -10.52 7.25
N GLY A 245 9.34 -9.37 7.41
CA GLY A 245 9.86 -8.29 8.25
C GLY A 245 10.11 -8.71 9.69
N ASP A 246 9.11 -9.34 10.32
CA ASP A 246 9.27 -9.86 11.69
C ASP A 246 10.58 -10.65 11.81
N MET A 247 10.79 -11.56 10.85
CA MET A 247 11.95 -12.44 10.86
C MET A 247 13.25 -11.67 10.69
N ILE A 248 13.27 -10.76 9.72
CA ILE A 248 14.44 -9.90 9.51
C ILE A 248 14.78 -9.15 10.80
N PHE A 249 13.75 -8.62 11.44
CA PHE A 249 13.88 -7.88 12.68
C PHE A 249 14.51 -8.72 13.79
N PHE A 250 13.95 -9.90 14.05
CA PHE A 250 14.52 -10.77 15.08
C PHE A 250 15.93 -11.19 14.71
N HIS A 251 16.12 -11.56 13.45
CA HIS A 251 17.43 -11.98 12.94
C HIS A 251 18.52 -10.92 13.17
N SER A 252 18.14 -9.64 13.03
CA SER A 252 19.09 -8.54 13.08
C SER A 252 19.73 -8.33 14.43
N TYR A 253 19.15 -8.89 15.49
CA TYR A 253 19.76 -8.76 16.81
C TYR A 253 20.84 -9.83 17.06
N LYS A 254 20.76 -10.95 16.35
CA LYS A 254 21.81 -11.98 16.39
C LYS A 254 22.86 -11.78 15.28
N ASN A 255 22.41 -11.33 14.12
CA ASN A 255 23.28 -11.18 12.95
C ASN A 255 22.98 -9.84 12.27
N PRO A 256 23.48 -8.73 12.85
CA PRO A 256 23.06 -7.40 12.40
C PRO A 256 23.66 -6.95 11.06
N GLY A 257 22.98 -6.00 10.41
CA GLY A 257 23.53 -5.26 9.28
C GLY A 257 22.96 -5.53 7.90
N LEU A 258 21.96 -6.40 7.79
CA LEU A 258 21.33 -6.64 6.49
C LEU A 258 20.73 -5.34 5.99
N VAL A 259 21.03 -4.99 4.74
CA VAL A 259 20.46 -3.81 4.09
C VAL A 259 19.54 -4.22 2.96
N LEU A 260 18.34 -3.66 2.90
CA LEU A 260 17.47 -3.80 1.73
C LEU A 260 17.26 -2.41 1.14
N ASP A 261 17.90 -2.15 0.01
CA ASP A 261 17.80 -0.87 -0.69
C ASP A 261 16.58 -0.86 -1.60
N ILE A 262 15.76 0.18 -1.47
CA ILE A 262 14.60 0.35 -2.35
C ILE A 262 14.90 1.22 -3.56
N VAL A 263 16.01 1.96 -3.54
CA VAL A 263 16.31 2.87 -4.64
C VAL A 263 16.65 2.10 -5.92
N GLU A 264 17.53 1.12 -5.83
CA GLU A 264 17.88 0.33 -7.00
C GLU A 264 16.65 -0.36 -7.59
N ASP A 265 15.74 -0.82 -6.73
CA ASP A 265 14.51 -1.48 -7.21
C ASP A 265 13.59 -0.51 -7.94
N LEU A 266 13.62 0.78 -7.58
CA LEU A 266 12.85 1.77 -8.33
C LEU A 266 13.39 1.91 -9.74
N ARG A 267 14.72 2.01 -9.85
CA ARG A 267 15.33 2.04 -11.18
CA ARG A 267 15.36 2.03 -11.17
C ARG A 267 14.92 0.82 -11.99
N LEU A 268 14.95 -0.35 -11.37
CA LEU A 268 14.68 -1.59 -12.09
C LEU A 268 13.24 -1.69 -12.61
N ILE A 269 12.25 -1.37 -11.78
CA ILE A 269 10.86 -1.42 -12.25
C ILE A 269 10.59 -0.36 -13.32
N ASN A 270 11.09 0.85 -13.12
CA ASN A 270 10.79 1.91 -14.07
C ASN A 270 11.40 1.62 -15.43
N THR A 271 12.59 1.02 -15.45
CA THR A 271 13.24 0.69 -16.71
CA THR A 271 13.29 0.62 -16.67
C THR A 271 12.47 -0.39 -17.47
N GLN A 272 11.77 -1.29 -16.77
CA GLN A 272 10.92 -2.27 -17.44
C GLN A 272 9.83 -1.59 -18.27
N ALA A 273 9.27 -0.51 -17.77
CA ALA A 273 8.26 0.24 -18.51
C ALA A 273 8.89 1.08 -19.63
N ILE A 274 10.00 1.74 -19.33
CA ILE A 274 10.56 2.73 -20.25
C ILE A 274 10.96 2.08 -21.57
N PHE A 275 11.48 0.86 -21.50
CA PHE A 275 11.99 0.19 -22.70
C PHE A 275 11.04 -0.82 -23.33
N ALA A 276 9.79 -0.83 -22.91
CA ALA A 276 8.77 -1.70 -23.48
C ALA A 276 8.30 -1.19 -24.84
N LYS A 277 8.01 -2.10 -25.77
CA LYS A 277 7.31 -1.74 -27.00
C LYS A 277 5.88 -1.28 -26.71
N CYS A 278 5.16 -2.06 -25.90
CA CYS A 278 3.82 -1.71 -25.42
C CYS A 278 3.78 -2.23 -24.00
N THR A 279 2.91 -1.67 -23.18
CA THR A 279 2.66 -2.25 -21.87
C THR A 279 1.18 -2.47 -21.61
N GLY A 280 0.91 -3.50 -20.82
CA GLY A 280 -0.40 -3.70 -20.22
C GLY A 280 -0.26 -3.80 -18.72
N MET A 281 -1.25 -3.30 -18.01
CA MET A 281 -1.31 -3.42 -16.57
C MET A 281 -2.56 -4.23 -16.21
N ILE A 282 -2.37 -5.25 -15.39
CA ILE A 282 -3.45 -6.01 -14.79
C ILE A 282 -3.26 -5.89 -13.29
N ILE A 283 -4.17 -5.14 -12.65
CA ILE A 283 -3.98 -4.77 -11.26
C ILE A 283 -5.15 -5.25 -10.41
N LEU A 284 -4.86 -6.16 -9.49
CA LEU A 284 -5.85 -6.74 -8.59
C LEU A 284 -5.71 -6.08 -7.23
N GLY A 285 -6.74 -5.33 -6.83
CA GLY A 285 -6.67 -4.58 -5.61
C GLY A 285 -5.97 -3.25 -5.78
N GLY A 286 -5.79 -2.54 -4.67
CA GLY A 286 -5.24 -1.20 -4.71
C GLY A 286 -3.98 -1.06 -3.88
N GLY A 287 -3.68 0.16 -3.47
CA GLY A 287 -2.55 0.43 -2.60
C GLY A 287 -1.25 0.58 -3.35
N VAL A 288 -0.17 0.18 -2.68
CA VAL A 288 1.16 0.25 -3.26
C VAL A 288 1.21 -0.49 -4.60
N VAL A 289 0.60 -1.67 -4.68
CA VAL A 289 0.73 -2.48 -5.91
C VAL A 289 0.18 -1.73 -7.12
N LYS A 290 -0.92 -1.02 -6.93
CA LYS A 290 -1.56 -0.32 -8.02
C LYS A 290 -0.76 0.91 -8.43
N HIS A 291 -0.43 1.74 -7.46
CA HIS A 291 0.31 2.97 -7.76
C HIS A 291 1.68 2.69 -8.35
N HIS A 292 2.37 1.70 -7.79
CA HIS A 292 3.76 1.43 -8.18
C HIS A 292 3.84 0.99 -9.65
N ILE A 293 2.90 0.16 -10.08
CA ILE A 293 2.82 -0.25 -11.47
C ILE A 293 2.42 0.93 -12.37
N ALA A 294 1.39 1.66 -11.96
CA ALA A 294 0.91 2.78 -12.77
C ALA A 294 1.97 3.88 -12.90
N ASN A 295 2.65 4.16 -11.80
CA ASN A 295 3.70 5.19 -11.81
C ASN A 295 4.90 4.80 -12.68
N ALA A 296 5.27 3.52 -12.69
CA ALA A 296 6.31 3.05 -13.60
C ALA A 296 5.90 3.35 -15.03
N ASN A 297 4.63 3.11 -15.35
CA ASN A 297 4.15 3.36 -16.70
C ASN A 297 4.04 4.84 -17.07
N LEU A 298 3.95 5.73 -16.10
CA LEU A 298 4.04 7.17 -16.37
C LEU A 298 5.39 7.50 -17.06
N MET A 299 6.44 6.75 -16.71
CA MET A 299 7.78 7.03 -17.23
C MET A 299 7.90 6.80 -18.74
N ARG A 300 6.95 6.06 -19.32
CA ARG A 300 6.92 5.87 -20.78
C ARG A 300 5.76 6.66 -21.41
N ASN A 301 5.19 7.56 -20.63
CA ASN A 301 4.03 8.33 -21.02
C ASN A 301 2.74 7.50 -21.17
N GLY A 302 2.67 6.41 -20.41
CA GLY A 302 1.41 5.71 -20.20
C GLY A 302 1.34 4.31 -20.75
N ALA A 303 0.59 3.47 -20.04
CA ALA A 303 0.29 2.13 -20.49
C ALA A 303 -0.66 2.15 -21.69
N ASP A 304 -0.49 1.16 -22.56
CA ASP A 304 -1.35 0.99 -23.73
C ASP A 304 -2.65 0.29 -23.40
N TYR A 305 -2.61 -0.61 -22.41
CA TYR A 305 -3.76 -1.39 -21.96
C TYR A 305 -3.80 -1.44 -20.45
N ALA A 306 -4.98 -1.44 -19.87
CA ALA A 306 -5.10 -1.52 -18.43
C ALA A 306 -6.43 -2.12 -18.01
N VAL A 307 -6.35 -3.06 -17.08
CA VAL A 307 -7.52 -3.63 -16.41
C VAL A 307 -7.27 -3.55 -14.91
N TYR A 308 -8.18 -2.89 -14.18
CA TYR A 308 -8.20 -2.90 -12.73
C TYR A 308 -9.33 -3.83 -12.30
N ILE A 309 -9.08 -4.66 -11.29
CA ILE A 309 -10.14 -5.36 -10.59
C ILE A 309 -10.00 -5.00 -9.12
N ASN A 310 -10.89 -4.16 -8.60
CA ASN A 310 -10.82 -3.83 -7.19
C ASN A 310 -12.14 -3.41 -6.60
N THR A 311 -12.18 -3.47 -5.27
CA THR A 311 -13.37 -3.16 -4.48
C THR A 311 -13.35 -1.74 -3.90
N ALA A 312 -12.42 -0.92 -4.32
CA ALA A 312 -12.33 0.46 -3.80
C ALA A 312 -13.25 1.37 -4.61
N GLN A 313 -13.54 2.53 -4.04
CA GLN A 313 -14.39 3.52 -4.68
C GLN A 313 -13.72 4.87 -4.64
N GLU A 314 -14.12 5.78 -5.54
CA GLU A 314 -13.37 7.02 -5.71
C GLU A 314 -13.63 8.06 -4.62
N PHE A 315 -14.80 7.98 -4.00
CA PHE A 315 -15.32 9.07 -3.14
C PHE A 315 -14.41 9.55 -2.01
N ASP A 316 -13.56 8.65 -1.52
CA ASP A 316 -12.69 8.94 -0.37
C ASP A 316 -11.37 9.59 -0.79
N GLY A 317 -11.22 9.83 -2.10
CA GLY A 317 -9.99 10.42 -2.65
C GLY A 317 -8.83 9.44 -2.75
N SER A 318 -9.07 8.18 -2.44
CA SER A 318 -8.00 7.18 -2.37
C SER A 318 -7.40 6.93 -3.73
N ASP A 319 -6.10 6.67 -3.75
CA ASP A 319 -5.49 6.17 -4.96
C ASP A 319 -6.11 4.80 -5.31
N SER A 320 -6.30 3.95 -4.31
CA SER A 320 -6.93 2.64 -4.53
C SER A 320 -8.23 2.74 -5.33
N GLY A 321 -9.06 3.71 -4.99
CA GLY A 321 -10.38 3.85 -5.59
C GLY A 321 -10.49 4.74 -6.81
N ALA A 322 -9.37 5.32 -7.23
CA ALA A 322 -9.37 6.18 -8.40
C ALA A 322 -9.69 5.37 -9.65
N ARG A 323 -10.57 5.89 -10.49
CA ARG A 323 -10.86 5.28 -11.77
C ARG A 323 -9.65 5.30 -12.69
N PRO A 324 -9.60 4.39 -13.67
CA PRO A 324 -8.56 4.48 -14.69
C PRO A 324 -8.44 5.87 -15.32
N ASP A 325 -9.56 6.56 -15.52
CA ASP A 325 -9.49 7.87 -16.15
C ASP A 325 -8.76 8.92 -15.29
N GLU A 326 -8.67 8.71 -13.99
CA GLU A 326 -7.81 9.59 -13.19
C GLU A 326 -6.36 9.42 -13.65
N ALA A 327 -5.95 8.18 -13.85
CA ALA A 327 -4.57 7.88 -14.25
C ALA A 327 -4.21 8.50 -15.60
N VAL A 328 -5.21 8.67 -16.46
CA VAL A 328 -5.02 9.36 -17.74
C VAL A 328 -4.57 10.81 -17.53
N SER A 329 -5.10 11.49 -16.52
CA SER A 329 -4.71 12.89 -16.26
C SER A 329 -3.21 13.01 -15.97
N TRP A 330 -2.64 11.97 -15.33
CA TRP A 330 -1.23 11.95 -14.90
C TRP A 330 -0.28 11.51 -16.02
N GLY A 331 -0.82 10.80 -17.00
CA GLY A 331 0.01 10.19 -18.04
C GLY A 331 0.40 8.76 -17.74
N LYS A 332 -0.27 8.12 -16.77
CA LYS A 332 0.01 6.73 -16.43
C LYS A 332 -0.68 5.75 -17.38
N ILE A 333 -1.76 6.19 -18.00
CA ILE A 333 -2.48 5.44 -19.03
C ILE A 333 -2.61 6.36 -20.23
N ARG A 334 -2.33 5.85 -21.42
CA ARG A 334 -2.41 6.68 -22.63
C ARG A 334 -3.82 7.23 -22.88
N VAL A 335 -3.89 8.44 -23.44
CA VAL A 335 -5.18 9.04 -23.80
C VAL A 335 -5.98 8.16 -24.75
N ASP A 336 -5.29 7.50 -25.67
CA ASP A 336 -5.93 6.63 -26.67
C ASP A 336 -6.28 5.23 -26.15
N ALA A 337 -5.88 4.92 -24.92
CA ALA A 337 -6.18 3.61 -24.35
C ALA A 337 -7.67 3.54 -24.00
N GLN A 338 -8.15 2.31 -23.83
CA GLN A 338 -9.55 2.06 -23.45
C GLN A 338 -9.51 1.19 -22.21
N PRO A 339 -9.07 1.76 -21.08
CA PRO A 339 -8.93 0.95 -19.89
C PRO A 339 -10.27 0.55 -19.29
N VAL A 340 -10.23 -0.45 -18.43
CA VAL A 340 -11.41 -1.04 -17.82
C VAL A 340 -11.18 -1.28 -16.34
N LYS A 341 -12.17 -0.94 -15.52
CA LYS A 341 -12.20 -1.36 -14.11
C LYS A 341 -13.42 -2.25 -13.90
N VAL A 342 -13.20 -3.41 -13.28
CA VAL A 342 -14.26 -4.26 -12.77
C VAL A 342 -14.33 -4.04 -11.26
N TYR A 343 -15.51 -3.66 -10.78
CA TYR A 343 -15.73 -3.35 -9.38
C TYR A 343 -16.24 -4.61 -8.70
N ALA A 344 -15.31 -5.40 -8.17
CA ALA A 344 -15.63 -6.71 -7.60
C ALA A 344 -14.44 -7.28 -6.87
N ASP A 345 -14.73 -8.21 -5.95
CA ASP A 345 -13.72 -9.05 -5.31
C ASP A 345 -13.02 -9.91 -6.39
N ALA A 346 -11.70 -9.73 -6.49
CA ALA A 346 -10.90 -10.46 -7.48
C ALA A 346 -10.94 -11.97 -7.28
N SER A 347 -11.27 -12.43 -6.08
CA SER A 347 -11.36 -13.88 -5.86
C SER A 347 -12.47 -14.51 -6.72
N LEU A 348 -13.52 -13.75 -7.01
CA LEU A 348 -14.57 -14.16 -7.93
C LEU A 348 -14.16 -13.99 -9.39
N VAL A 349 -13.59 -12.85 -9.72
CA VAL A 349 -13.45 -12.43 -11.11
C VAL A 349 -12.18 -12.95 -11.79
N PHE A 350 -11.07 -13.00 -11.05
CA PHE A 350 -9.79 -13.25 -11.74
C PHE A 350 -9.70 -14.62 -12.39
N PRO A 351 -10.12 -15.69 -11.70
CA PRO A 351 -10.06 -16.99 -12.38
C PRO A 351 -10.91 -17.04 -13.66
N LEU A 352 -12.07 -16.39 -13.65
CA LEU A 352 -12.91 -16.29 -14.86
C LEU A 352 -12.19 -15.54 -15.98
N LEU A 353 -11.54 -14.44 -15.62
CA LEU A 353 -10.80 -13.64 -16.59
C LEU A 353 -9.69 -14.46 -17.23
N VAL A 354 -8.91 -15.16 -16.41
CA VAL A 354 -7.80 -15.97 -16.91
C VAL A 354 -8.33 -17.09 -17.84
N ALA A 355 -9.43 -17.72 -17.44
CA ALA A 355 -10.05 -18.79 -18.25
C ALA A 355 -10.35 -18.31 -19.66
N GLU A 356 -10.81 -17.08 -19.79
CA GLU A 356 -11.23 -16.52 -21.07
C GLU A 356 -10.14 -15.80 -21.86
N THR A 357 -8.95 -15.69 -21.27
CA THR A 357 -7.86 -14.94 -21.90
C THR A 357 -6.60 -15.80 -21.97
N PHE A 358 -5.74 -15.71 -20.95
CA PHE A 358 -4.44 -16.41 -21.00
C PHE A 358 -4.59 -17.91 -21.23
N ALA A 359 -5.54 -18.55 -20.55
CA ALA A 359 -5.71 -19.99 -20.65
C ALA A 359 -6.12 -20.42 -22.06
N GLN A 360 -6.82 -19.54 -22.79
CA GLN A 360 -7.18 -19.80 -24.19
C GLN A 360 -5.98 -19.84 -25.14
N LYS A 361 -4.89 -19.16 -24.79
CA LYS A 361 -3.69 -19.07 -25.64
C LYS A 361 -2.51 -19.82 -25.07
N MET A 362 -2.78 -20.77 -24.18
CA MET A 362 -1.70 -21.45 -23.49
C MET A 362 -0.70 -22.08 -24.46
N ASP A 363 -1.20 -22.62 -25.57
CA ASP A 363 -0.35 -23.24 -26.59
C ASP A 363 0.75 -22.31 -27.12
N ALA A 364 0.42 -21.03 -27.27
CA ALA A 364 1.40 -20.06 -27.75
C ALA A 364 2.50 -19.81 -26.72
N PHE A 365 2.20 -20.01 -25.44
CA PHE A 365 3.17 -19.74 -24.38
C PHE A 365 4.08 -20.92 -24.05
N MET A 366 3.94 -22.02 -24.78
CA MET A 366 4.86 -23.16 -24.63
C MET A 366 5.61 -23.44 -25.92
N SER B 31 -27.74 0.65 29.92
CA SER B 31 -28.56 0.62 28.68
C SER B 31 -28.88 2.03 28.19
N THR B 32 -28.17 2.47 27.16
CA THR B 32 -28.27 3.84 26.68
C THR B 32 -29.32 3.93 25.59
N GLN B 33 -30.24 4.88 25.76
CA GLN B 33 -31.33 5.07 24.81
C GLN B 33 -30.84 5.86 23.61
N VAL B 34 -31.41 5.55 22.45
CA VAL B 34 -31.13 6.28 21.23
C VAL B 34 -31.87 7.62 21.27
N ARG B 35 -31.13 8.69 21.02
CA ARG B 35 -31.67 10.04 21.02
C ARG B 35 -30.72 10.97 20.25
N GLY B 36 -31.26 11.75 19.32
CA GLY B 36 -30.48 12.72 18.58
C GLY B 36 -30.51 14.07 19.24
N TYR B 37 -29.60 14.94 18.81
CA TYR B 37 -29.57 16.33 19.27
C TYR B 37 -30.86 17.04 18.93
N ASP B 38 -31.41 17.78 19.88
CA ASP B 38 -32.64 18.54 19.72
C ASP B 38 -32.30 19.98 19.38
N PHE B 39 -32.49 20.37 18.12
CA PHE B 39 -32.22 21.75 17.69
C PHE B 39 -33.14 22.81 18.29
N ASN B 40 -34.20 22.42 19.01
CA ASN B 40 -34.96 23.39 19.80
C ASN B 40 -34.12 24.03 20.91
N ARG B 41 -32.99 23.40 21.22
CA ARG B 41 -31.99 23.98 22.11
C ARG B 41 -31.20 25.12 21.46
N GLY B 42 -31.35 25.30 20.15
CA GLY B 42 -30.44 26.13 19.37
C GLY B 42 -29.27 25.32 18.89
N VAL B 43 -28.19 26.00 18.52
CA VAL B 43 -26.99 25.36 17.99
C VAL B 43 -25.83 25.55 18.95
N ASN B 44 -25.60 24.55 19.79
CA ASN B 44 -24.36 24.44 20.55
C ASN B 44 -23.60 23.30 19.92
N TYR B 45 -22.51 23.63 19.25
CA TYR B 45 -21.77 22.64 18.48
C TYR B 45 -21.14 21.57 19.36
N ARG B 46 -20.75 21.93 20.58
CA ARG B 46 -20.21 20.93 21.50
C ARG B 46 -21.28 19.89 21.83
N ALA B 47 -22.46 20.38 22.18
CA ALA B 47 -23.59 19.52 22.52
C ALA B 47 -24.00 18.68 21.31
N LEU B 48 -23.96 19.28 20.12
CA LEU B 48 -24.29 18.57 18.88
C LEU B 48 -23.35 17.39 18.67
N LEU B 49 -22.04 17.63 18.80
CA LEU B 49 -21.06 16.57 18.65
C LEU B 49 -21.19 15.49 19.72
N GLU B 50 -21.47 15.90 20.95
CA GLU B 50 -21.67 14.95 22.04
C GLU B 50 -22.84 14.00 21.75
N ALA B 51 -23.88 14.52 21.13
CA ALA B 51 -25.07 13.76 20.80
C ALA B 51 -24.81 12.65 19.77
N PHE B 52 -23.71 12.72 19.02
CA PHE B 52 -23.40 11.64 18.08
C PHE B 52 -23.40 10.27 18.79
N GLY B 53 -22.89 10.23 20.01
CA GLY B 53 -22.79 8.98 20.76
C GLY B 53 -24.09 8.22 20.92
N THR B 54 -25.20 8.95 21.06
CA THR B 54 -26.51 8.31 21.22
C THR B 54 -27.36 8.35 19.96
N THR B 55 -26.78 8.77 18.84
CA THR B 55 -27.49 8.88 17.56
C THR B 55 -27.55 7.56 16.80
N GLY B 56 -26.56 6.70 17.01
CA GLY B 56 -26.54 5.38 16.38
C GLY B 56 -25.68 5.27 15.14
N PHE B 57 -25.53 4.05 14.64
CA PHE B 57 -24.73 3.74 13.44
C PHE B 57 -23.35 4.38 13.57
N GLN B 58 -22.81 5.00 12.53
CA GLN B 58 -21.46 5.55 12.64
C GLN B 58 -21.34 6.75 13.53
N ALA B 59 -22.44 7.46 13.80
CA ALA B 59 -22.41 8.54 14.77
C ALA B 59 -22.03 8.00 16.15
N THR B 60 -22.61 6.87 16.52
CA THR B 60 -22.27 6.21 17.79
C THR B 60 -20.80 5.76 17.79
N ASN B 61 -20.33 5.21 16.67
CA ASN B 61 -18.92 4.85 16.60
C ASN B 61 -18.00 6.06 16.74
N PHE B 62 -18.40 7.20 16.18
CA PHE B 62 -17.65 8.43 16.35
C PHE B 62 -17.57 8.79 17.83
N GLY B 63 -18.69 8.71 18.53
CA GLY B 63 -18.70 8.97 19.98
C GLY B 63 -17.75 8.06 20.73
N ARG B 64 -17.73 6.79 20.36
CA ARG B 64 -16.85 5.81 20.99
C ARG B 64 -15.37 6.11 20.69
N ALA B 65 -15.11 6.59 19.47
CA ALA B 65 -13.77 6.99 19.06
C ALA B 65 -13.25 8.18 19.88
N VAL B 66 -14.10 9.19 20.10
CA VAL B 66 -13.77 10.33 20.97
C VAL B 66 -13.36 9.82 22.35
N GLN B 67 -14.16 8.92 22.91
CA GLN B 67 -13.83 8.33 24.22
C GLN B 67 -12.49 7.60 24.24
N GLN B 68 -12.20 6.84 23.19
CA GLN B 68 -10.99 6.05 23.13
C GLN B 68 -9.76 6.95 22.97
N VAL B 69 -9.86 7.98 22.13
CA VAL B 69 -8.74 8.91 21.94
C VAL B 69 -8.52 9.72 23.22
N ASN B 70 -9.60 10.14 23.87
CA ASN B 70 -9.45 10.82 25.16
C ASN B 70 -8.81 9.95 26.22
N ALA B 71 -9.10 8.64 26.19
CA ALA B 71 -8.44 7.70 27.10
C ALA B 71 -6.94 7.65 26.84
N MET B 72 -6.54 7.65 25.55
CA MET B 72 -5.11 7.69 25.17
C MET B 72 -4.43 8.94 25.70
N ILE B 73 -5.10 10.08 25.53
CA ILE B 73 -4.55 11.36 25.92
C ILE B 73 -4.38 11.40 27.44
N GLU B 74 -5.42 11.00 28.16
CA GLU B 74 -5.35 11.00 29.62
C GLU B 74 -4.25 10.07 30.13
N LYS B 75 -4.06 8.92 29.49
CA LYS B 75 -2.98 8.03 29.87
C LYS B 75 -1.63 8.68 29.58
N LYS B 76 -1.53 9.34 28.42
CA LYS B 76 -0.29 10.03 28.05
C LYS B 76 0.10 11.13 29.04
N LEU B 77 -0.90 11.82 29.61
CA LEU B 77 -0.65 12.91 30.55
C LEU B 77 -0.33 12.43 31.97
N GLU B 78 -0.47 11.13 32.24
CA GLU B 78 -0.07 10.59 33.55
C GLU B 78 1.45 10.68 33.72
N PRO B 79 1.93 11.12 34.90
CA PRO B 79 3.38 11.11 35.13
C PRO B 79 3.98 9.71 35.08
N LEU B 80 5.22 9.59 34.64
CA LEU B 80 5.92 8.30 34.65
C LEU B 80 6.34 7.92 36.06
N SER B 93 16.71 6.14 19.76
CA SER B 93 15.82 7.30 19.70
C SER B 93 16.11 8.30 20.82
N ARG B 94 16.10 9.59 20.47
CA ARG B 94 16.28 10.68 21.44
C ARG B 94 14.94 11.18 22.01
N ARG B 95 13.83 10.60 21.55
CA ARG B 95 12.50 11.00 22.01
C ARG B 95 12.23 10.51 23.44
N PRO B 96 11.96 11.44 24.39
CA PRO B 96 11.64 11.05 25.76
C PRO B 96 10.30 10.33 25.89
N LEU B 97 10.27 9.28 26.71
CA LEU B 97 9.10 8.44 26.85
C LEU B 97 8.02 9.15 27.66
N THR B 98 6.76 8.97 27.25
CA THR B 98 5.60 9.36 28.04
C THR B 98 4.83 8.11 28.44
N SER B 99 3.75 8.29 29.17
CA SER B 99 2.94 7.17 29.66
C SER B 99 2.08 6.51 28.59
N CYS B 100 1.95 7.13 27.42
CA CYS B 100 1.29 6.46 26.30
C CYS B 100 1.87 6.95 24.98
N THR B 101 2.49 6.03 24.26
CA THR B 101 3.04 6.31 22.94
C THR B 101 1.91 6.20 21.91
N ILE B 102 1.63 7.29 21.20
CA ILE B 102 0.55 7.31 20.23
C ILE B 102 1.13 7.25 18.81
N PHE B 103 0.69 6.26 18.05
CA PHE B 103 1.05 6.11 16.64
C PHE B 103 -0.08 6.68 15.82
N LEU B 104 0.25 7.60 14.91
CA LEU B 104 -0.71 8.19 13.98
C LEU B 104 -0.33 7.77 12.56
N GLY B 105 -1.26 7.10 11.88
CA GLY B 105 -1.07 6.69 10.50
C GLY B 105 -2.12 7.31 9.60
N TYR B 106 -1.72 7.63 8.36
CA TYR B 106 -2.66 8.21 7.42
C TYR B 106 -2.20 7.96 6.02
N THR B 107 -3.16 7.67 5.15
CA THR B 107 -2.89 7.47 3.75
C THR B 107 -2.47 8.77 3.07
N SER B 108 -1.84 8.65 1.91
CA SER B 108 -1.23 9.79 1.23
C SER B 108 -2.23 10.88 0.85
N ASN B 109 -3.40 10.47 0.40
CA ASN B 109 -4.42 11.38 -0.06
C ASN B 109 -4.91 12.32 1.05
N LEU B 110 -4.76 11.90 2.30
CA LEU B 110 -5.17 12.78 3.39
C LEU B 110 -4.23 13.97 3.53
N ILE B 111 -2.99 13.85 3.07
CA ILE B 111 -2.07 14.99 2.96
C ILE B 111 -2.39 15.85 1.73
N SER B 112 -2.90 15.26 0.65
CA SER B 112 -3.43 16.02 -0.48
C SER B 112 -4.57 16.90 -0.01
N SER B 113 -5.38 16.34 0.89
CA SER B 113 -6.53 17.03 1.46
C SER B 113 -6.11 18.06 2.52
N GLY B 114 -7.10 18.82 2.99
CA GLY B 114 -6.90 19.74 4.11
C GLY B 114 -6.62 19.06 5.45
N ILE B 115 -6.75 17.74 5.51
CA ILE B 115 -6.37 17.02 6.73
C ILE B 115 -4.86 17.19 7.03
N ARG B 116 -4.10 17.58 6.02
CA ARG B 116 -2.72 18.02 6.23
C ARG B 116 -2.60 19.00 7.39
N GLU B 117 -3.51 19.98 7.43
CA GLU B 117 -3.50 20.99 8.49
C GLU B 117 -3.81 20.39 9.87
N THR B 118 -4.74 19.46 9.90
CA THR B 118 -5.11 18.77 11.15
C THR B 118 -3.92 17.98 11.74
N ILE B 119 -3.25 17.22 10.87
CA ILE B 119 -2.12 16.40 11.25
C ILE B 119 -0.97 17.32 11.69
N ARG B 120 -0.71 18.37 10.91
CA ARG B 120 0.36 19.31 11.28
C ARG B 120 0.19 19.87 12.69
N TYR B 121 -1.04 20.25 13.01
CA TYR B 121 -1.36 20.75 14.35
C TYR B 121 -0.96 19.77 15.45
N LEU B 122 -1.33 18.50 15.28
CA LEU B 122 -1.01 17.48 16.30
C LEU B 122 0.50 17.29 16.46
N VAL B 123 1.22 17.33 15.34
CA VAL B 123 2.66 17.12 15.33
C VAL B 123 3.40 18.34 15.91
N GLN B 124 2.96 19.53 15.49
CA GLN B 124 3.46 20.81 16.00
C GLN B 124 3.46 20.88 17.52
N HIS B 125 2.39 20.37 18.13
CA HIS B 125 2.26 20.41 19.58
C HIS B 125 2.63 19.13 20.30
N ASN B 126 3.32 18.23 19.60
CA ASN B 126 3.92 17.05 20.23
C ASN B 126 2.85 16.14 20.86
N MET B 127 1.69 16.11 20.23
CA MET B 127 0.55 15.35 20.74
C MET B 127 0.57 13.88 20.36
N VAL B 128 1.36 13.54 19.35
CA VAL B 128 1.56 12.14 18.96
C VAL B 128 3.04 11.86 18.90
N ASP B 129 3.41 10.59 18.84
CA ASP B 129 4.80 10.17 19.04
C ASP B 129 5.46 9.55 17.84
N VAL B 130 4.66 8.94 16.97
CA VAL B 130 5.16 8.29 15.77
C VAL B 130 4.19 8.52 14.63
N LEU B 131 4.72 8.87 13.46
CA LEU B 131 3.91 8.99 12.24
C LEU B 131 4.24 7.87 11.27
N VAL B 132 3.21 7.34 10.61
CA VAL B 132 3.40 6.46 9.46
C VAL B 132 2.53 6.95 8.31
N THR B 133 3.14 7.15 7.15
CA THR B 133 2.40 7.54 5.98
C THR B 133 3.10 6.98 4.77
N THR B 134 2.36 6.87 3.67
CA THR B 134 2.96 6.40 2.43
C THR B 134 3.64 7.59 1.76
N ALA B 135 4.31 7.36 0.63
CA ALA B 135 5.21 8.36 0.06
C ALA B 135 4.52 9.66 -0.32
N GLY B 136 3.34 9.57 -0.92
CA GLY B 136 2.57 10.75 -1.27
C GLY B 136 2.34 11.64 -0.06
N GLY B 137 2.08 11.00 1.07
CA GLY B 137 1.88 11.70 2.34
C GLY B 137 3.09 12.46 2.85
N VAL B 138 4.27 12.07 2.41
CA VAL B 138 5.49 12.84 2.66
C VAL B 138 5.60 13.98 1.65
N GLU B 139 5.69 13.63 0.36
CA GLU B 139 6.03 14.62 -0.65
C GLU B 139 5.04 15.77 -0.79
N GLU B 140 3.74 15.50 -0.66
CA GLU B 140 2.76 16.56 -0.89
C GLU B 140 2.73 17.59 0.23
N ASP B 141 3.16 17.21 1.43
CA ASP B 141 3.33 18.17 2.51
C ASP B 141 4.41 19.21 2.16
N LEU B 142 5.49 18.71 1.58
CA LEU B 142 6.59 19.55 1.14
C LEU B 142 6.17 20.42 -0.04
N ILE B 143 5.54 19.79 -1.04
CA ILE B 143 5.13 20.50 -2.24
C ILE B 143 4.15 21.63 -1.91
N LYS B 144 3.25 21.40 -0.95
CA LYS B 144 2.32 22.46 -0.53
C LYS B 144 2.97 23.70 0.06
N CYS B 145 4.24 23.62 0.47
CA CYS B 145 4.98 24.81 0.90
C CYS B 145 5.50 25.61 -0.29
N LEU B 146 5.50 24.98 -1.48
CA LEU B 146 5.98 25.58 -2.71
C LEU B 146 4.85 26.07 -3.61
N ALA B 147 3.73 25.36 -3.62
CA ALA B 147 2.59 25.67 -4.49
C ALA B 147 1.32 24.95 -4.00
N PRO B 148 0.16 25.58 -4.17
CA PRO B 148 -1.05 24.98 -3.62
C PRO B 148 -1.67 23.90 -4.50
N THR B 149 -2.49 23.09 -3.85
CA THR B 149 -3.38 22.14 -4.49
C THR B 149 -4.75 22.83 -4.56
N TYR B 150 -5.52 22.52 -5.60
CA TYR B 150 -6.78 23.21 -5.86
C TYR B 150 -7.98 22.28 -5.82
N LEU B 151 -9.16 22.86 -5.61
CA LEU B 151 -10.41 22.09 -5.69
C LEU B 151 -10.80 21.88 -7.14
N GLY B 152 -11.32 20.69 -7.43
CA GLY B 152 -11.84 20.32 -8.74
C GLY B 152 -13.11 19.50 -8.56
N GLU B 153 -13.23 18.43 -9.33
CA GLU B 153 -14.40 17.57 -9.30
C GLU B 153 -13.95 16.17 -9.72
N PHE B 154 -14.58 15.15 -9.16
CA PHE B 154 -14.22 13.76 -9.50
C PHE B 154 -14.43 13.44 -10.97
N SER B 155 -15.46 14.04 -11.57
CA SER B 155 -15.83 13.67 -12.95
C SER B 155 -14.97 14.27 -14.06
N LEU B 156 -14.04 15.16 -13.74
CA LEU B 156 -13.23 15.81 -14.78
C LEU B 156 -12.46 14.76 -15.60
N ARG B 157 -12.52 14.90 -16.91
CA ARG B 157 -11.95 13.88 -17.79
C ARG B 157 -10.43 14.01 -17.93
N GLY B 158 -9.76 12.86 -17.93
CA GLY B 158 -8.31 12.80 -17.91
C GLY B 158 -7.63 13.40 -19.13
N LYS B 159 -8.19 13.17 -20.31
CA LYS B 159 -7.60 13.69 -21.53
C LYS B 159 -7.45 15.21 -21.48
N GLU B 160 -8.53 15.91 -21.16
CA GLU B 160 -8.52 17.36 -21.14
C GLU B 160 -7.64 17.90 -20.00
N LEU B 161 -7.66 17.24 -18.84
CA LEU B 161 -6.75 17.64 -17.76
C LEU B 161 -5.28 17.49 -18.19
N ARG B 162 -4.94 16.36 -18.82
CA ARG B 162 -3.56 16.14 -19.20
CA ARG B 162 -3.56 16.08 -19.26
C ARG B 162 -3.12 17.15 -20.27
N GLU B 163 -4.02 17.46 -21.19
CA GLU B 163 -3.74 18.47 -22.22
C GLU B 163 -3.47 19.86 -21.62
N ASN B 164 -3.99 20.11 -20.43
CA ASN B 164 -3.81 21.39 -19.77
C ASN B 164 -2.80 21.35 -18.63
N GLY B 165 -2.05 20.25 -18.52
CA GLY B 165 -0.98 20.15 -17.52
C GLY B 165 -1.48 20.09 -16.10
N ILE B 166 -2.60 19.39 -15.89
CA ILE B 166 -3.24 19.31 -14.56
C ILE B 166 -3.44 17.84 -14.21
N ASN B 167 -3.10 17.49 -12.97
CA ASN B 167 -3.18 16.11 -12.49
C ASN B 167 -4.29 16.04 -11.47
N ARG B 168 -5.09 14.97 -11.51
CA ARG B 168 -6.26 14.85 -10.65
C ARG B 168 -6.03 13.93 -9.46
N ILE B 169 -6.41 14.40 -8.28
CA ILE B 169 -6.42 13.59 -7.07
C ILE B 169 -7.84 13.61 -6.52
N GLY B 170 -8.68 12.65 -6.90
CA GLY B 170 -10.08 12.70 -6.47
C GLY B 170 -10.79 13.92 -7.00
N ASN B 171 -11.29 14.77 -6.11
CA ASN B 171 -11.86 16.06 -6.49
C ASN B 171 -10.89 17.22 -6.25
N LEU B 172 -9.60 16.91 -6.24
CA LEU B 172 -8.53 17.90 -6.14
C LEU B 172 -7.71 17.92 -7.41
N LEU B 173 -6.94 18.99 -7.59
CA LEU B 173 -6.15 19.23 -8.82
C LEU B 173 -4.77 19.75 -8.45
N VAL B 174 -3.74 19.15 -9.06
CA VAL B 174 -2.37 19.55 -8.83
C VAL B 174 -1.74 19.88 -10.19
N PRO B 175 -1.44 21.16 -10.44
CA PRO B 175 -0.75 21.53 -11.70
C PRO B 175 0.63 20.89 -11.83
N ASN B 176 1.02 20.52 -13.05
CA ASN B 176 2.37 20.00 -13.33
C ASN B 176 3.46 20.86 -12.69
N GLU B 177 3.28 22.18 -12.75
CA GLU B 177 4.28 23.13 -12.26
C GLU B 177 4.66 22.91 -10.80
N ASN B 178 3.72 22.39 -10.00
CA ASN B 178 4.02 22.09 -8.60
C ASN B 178 5.20 21.12 -8.49
N TYR B 179 5.20 20.12 -9.35
CA TYR B 179 6.27 19.11 -9.37
C TYR B 179 7.58 19.66 -9.94
N CYS B 180 7.49 20.62 -10.86
CA CYS B 180 8.68 21.31 -11.36
C CYS B 180 9.36 22.09 -10.24
N LYS B 181 8.56 22.77 -9.43
CA LYS B 181 9.08 23.47 -8.26
C LYS B 181 9.71 22.50 -7.25
N PHE B 182 9.06 21.36 -7.04
CA PHE B 182 9.58 20.31 -6.15
C PHE B 182 10.94 19.82 -6.63
N GLU B 183 11.06 19.57 -7.93
CA GLU B 183 12.31 19.12 -8.51
C GLU B 183 13.43 20.13 -8.23
N ASP B 184 13.16 21.40 -8.51
CA ASP B 184 14.14 22.47 -8.34
C ASP B 184 14.61 22.59 -6.90
N TRP B 185 13.68 22.42 -5.96
CA TRP B 185 13.99 22.49 -4.55
C TRP B 185 14.76 21.26 -4.07
N LEU B 186 14.37 20.09 -4.56
CA LEU B 186 14.87 18.83 -4.01
C LEU B 186 16.26 18.42 -4.50
N MET B 187 16.58 18.70 -5.76
CA MET B 187 17.82 18.19 -6.34
C MET B 187 19.08 18.53 -5.52
N PRO B 188 19.23 19.79 -5.10
CA PRO B 188 20.46 20.11 -4.34
C PRO B 188 20.51 19.44 -2.97
N ILE B 189 19.34 19.13 -2.41
CA ILE B 189 19.28 18.37 -1.17
C ILE B 189 19.72 16.93 -1.38
N LEU B 190 19.24 16.30 -2.45
CA LEU B 190 19.65 14.94 -2.77
C LEU B 190 21.16 14.90 -3.02
N ASP B 191 21.71 15.92 -3.66
CA ASP B 191 23.18 16.02 -3.84
C ASP B 191 23.88 15.95 -2.49
N GLN B 192 23.41 16.74 -1.52
CA GLN B 192 24.02 16.74 -0.19
C GLN B 192 23.89 15.38 0.50
N MET B 193 22.73 14.75 0.36
CA MET B 193 22.51 13.44 0.96
C MET B 193 23.47 12.38 0.42
N VAL B 194 23.70 12.38 -0.89
CA VAL B 194 24.65 11.43 -1.46
C VAL B 194 26.06 11.73 -0.92
N MET B 195 26.44 13.00 -0.91
CA MET B 195 27.75 13.41 -0.39
C MET B 195 27.92 12.99 1.07
N GLU B 196 26.89 13.19 1.88
CA GLU B 196 26.97 12.81 3.29
C GLU B 196 27.06 11.29 3.48
N GLN B 197 26.39 10.53 2.63
CA GLN B 197 26.42 9.07 2.68
C GLN B 197 27.83 8.56 2.40
N ASN B 198 28.44 9.07 1.34
CA ASN B 198 29.69 8.51 0.84
C ASN B 198 30.94 9.03 1.56
N THR B 199 30.81 10.17 2.24
CA THR B 199 31.96 10.77 2.93
C THR B 199 31.82 10.95 4.45
N GLU B 200 30.58 11.04 4.94
CA GLU B 200 30.34 11.19 6.39
C GLU B 200 29.67 9.95 6.99
N GLY B 201 29.56 8.88 6.21
CA GLY B 201 29.07 7.60 6.70
C GLY B 201 27.59 7.53 7.04
N VAL B 202 26.80 8.48 6.55
CA VAL B 202 25.36 8.49 6.84
C VAL B 202 24.70 7.32 6.13
N LYS B 203 23.90 6.55 6.89
CA LYS B 203 23.20 5.39 6.35
C LYS B 203 21.72 5.76 6.25
N TRP B 204 21.30 6.21 5.07
CA TRP B 204 19.96 6.74 4.89
C TRP B 204 18.88 5.67 4.96
N THR B 205 17.76 6.05 5.56
CA THR B 205 16.52 5.26 5.60
C THR B 205 15.38 6.24 5.33
N PRO B 206 14.18 5.74 5.06
CA PRO B 206 13.06 6.68 4.87
C PRO B 206 12.87 7.67 6.02
N SER B 207 12.86 7.19 7.28
CA SER B 207 12.67 8.11 8.40
C SER B 207 13.75 9.20 8.47
N LYS B 208 15.00 8.85 8.20
CA LYS B 208 16.08 9.82 8.24
C LYS B 208 15.94 10.83 7.10
N MET B 209 15.54 10.35 5.92
CA MET B 209 15.33 11.23 4.79
C MET B 209 14.17 12.19 5.09
N ILE B 210 13.11 11.68 5.70
CA ILE B 210 11.93 12.51 5.96
C ILE B 210 12.25 13.61 6.97
N ALA B 211 13.02 13.25 8.00
CA ALA B 211 13.53 14.25 8.95
C ALA B 211 14.33 15.34 8.25
N ARG B 212 15.23 14.92 7.35
CA ARG B 212 16.04 15.90 6.63
C ARG B 212 15.20 16.80 5.73
N LEU B 213 14.23 16.24 5.02
CA LEU B 213 13.42 17.03 4.10
C LEU B 213 12.58 18.04 4.90
N GLY B 214 12.09 17.62 6.05
CA GLY B 214 11.38 18.52 6.96
C GLY B 214 12.23 19.67 7.45
N LYS B 215 13.47 19.38 7.84
CA LYS B 215 14.39 20.43 8.26
C LYS B 215 14.63 21.39 7.09
N GLU B 216 14.84 20.84 5.89
CA GLU B 216 15.12 21.66 4.72
C GLU B 216 13.96 22.57 4.28
N ILE B 217 12.72 22.07 4.35
CA ILE B 217 11.60 22.86 3.89
C ILE B 217 11.40 24.08 4.79
N ASN B 218 11.74 23.94 6.07
CA ASN B 218 11.92 25.08 6.97
C ASN B 218 10.73 26.04 6.93
N ASN B 219 9.55 25.48 7.14
CA ASN B 219 8.30 26.19 6.94
C ASN B 219 7.31 25.64 7.93
N PRO B 220 6.72 26.50 8.78
CA PRO B 220 5.86 25.98 9.83
C PRO B 220 4.47 25.52 9.38
N GLU B 221 4.19 25.56 8.07
CA GLU B 221 2.97 24.93 7.54
C GLU B 221 3.18 23.42 7.33
N SER B 222 4.43 22.98 7.41
CA SER B 222 4.80 21.62 7.07
C SER B 222 4.74 20.67 8.26
N VAL B 223 4.04 19.55 8.05
CA VAL B 223 4.00 18.44 9.00
C VAL B 223 5.42 17.99 9.34
N TYR B 224 6.26 17.77 8.33
CA TYR B 224 7.57 17.15 8.55
C TYR B 224 8.60 18.13 9.12
N TYR B 225 8.41 19.42 8.87
CA TYR B 225 9.19 20.43 9.57
C TYR B 225 8.97 20.29 11.08
N TRP B 226 7.72 20.22 11.49
CA TRP B 226 7.41 20.06 12.91
C TRP B 226 7.84 18.70 13.45
N ALA B 227 7.68 17.64 12.67
CA ALA B 227 8.06 16.29 13.13
C ALA B 227 9.54 16.23 13.52
N GLN B 228 10.41 16.75 12.65
CA GLN B 228 11.83 16.73 12.94
C GLN B 228 12.21 17.66 14.08
N LYS B 229 11.57 18.82 14.17
CA LYS B 229 11.83 19.76 15.25
C LYS B 229 11.49 19.13 16.60
N ASN B 230 10.44 18.32 16.63
CA ASN B 230 9.93 17.71 17.87
C ASN B 230 10.39 16.25 18.06
N HIS B 231 11.29 15.78 17.19
CA HIS B 231 11.83 14.42 17.27
C HIS B 231 10.75 13.35 17.20
N ILE B 232 9.77 13.56 16.31
CA ILE B 232 8.76 12.57 16.02
C ILE B 232 9.17 11.89 14.74
N PRO B 233 9.53 10.60 14.81
CA PRO B 233 9.96 9.90 13.62
C PRO B 233 8.79 9.59 12.70
N VAL B 234 9.10 9.52 11.40
CA VAL B 234 8.10 9.24 10.37
C VAL B 234 8.59 8.03 9.59
N PHE B 235 7.75 7.00 9.51
CA PHE B 235 8.07 5.78 8.79
C PHE B 235 7.26 5.70 7.53
N SER B 236 7.91 5.21 6.46
CA SER B 236 7.32 5.15 5.13
C SER B 236 8.15 4.17 4.31
N PRO B 237 7.90 2.87 4.51
CA PRO B 237 8.85 1.90 3.96
C PRO B 237 8.91 1.93 2.42
N ALA B 238 7.80 2.23 1.76
CA ALA B 238 7.78 2.34 0.30
C ALA B 238 7.90 3.80 -0.13
N LEU B 239 8.93 4.49 0.37
CA LEU B 239 9.07 5.93 0.11
C LEU B 239 9.30 6.24 -1.38
N THR B 240 9.72 5.24 -2.15
CA THR B 240 9.92 5.39 -3.59
C THR B 240 8.64 5.43 -4.41
N ASP B 241 7.48 5.16 -3.77
CA ASP B 241 6.21 5.04 -4.50
C ASP B 241 5.46 6.36 -4.63
N GLY B 242 5.97 7.23 -5.48
CA GLY B 242 5.42 8.57 -5.63
C GLY B 242 6.39 9.51 -6.34
N SER B 243 6.13 10.81 -6.23
CA SER B 243 6.96 11.83 -6.88
C SER B 243 8.36 11.92 -6.27
N LEU B 244 8.48 11.76 -4.96
CA LEU B 244 9.81 11.74 -4.35
C LEU B 244 10.61 10.60 -4.98
N GLY B 245 9.96 9.47 -5.21
CA GLY B 245 10.57 8.38 -5.95
C GLY B 245 11.00 8.82 -7.35
N ASP B 246 10.10 9.45 -8.09
CA ASP B 246 10.44 9.94 -9.44
C ASP B 246 11.73 10.76 -9.38
N MET B 247 11.79 11.66 -8.38
CA MET B 247 12.91 12.58 -8.26
C MET B 247 14.21 11.88 -7.90
N ILE B 248 14.14 10.95 -6.95
CA ILE B 248 15.28 10.10 -6.60
C ILE B 248 15.77 9.34 -7.83
N PHE B 249 14.82 8.83 -8.62
CA PHE B 249 15.10 8.08 -9.84
C PHE B 249 15.84 8.98 -10.84
N PHE B 250 15.29 10.15 -11.15
CA PHE B 250 15.93 11.06 -12.12
C PHE B 250 17.29 11.52 -11.59
N HIS B 251 17.33 11.90 -10.32
CA HIS B 251 18.56 12.34 -9.69
C HIS B 251 19.68 11.29 -9.79
N SER B 252 19.31 10.01 -9.69
CA SER B 252 20.29 8.95 -9.60
C SER B 252 21.10 8.78 -10.89
N TYR B 253 20.57 9.27 -12.02
CA TYR B 253 21.32 9.25 -13.28
C TYR B 253 22.27 10.44 -13.43
N LYS B 254 22.04 11.49 -12.64
CA LYS B 254 22.94 12.66 -12.55
C LYS B 254 23.95 12.52 -11.41
N ASN B 255 23.61 11.71 -10.41
CA ASN B 255 24.41 11.59 -9.20
C ASN B 255 24.16 10.23 -8.57
N PRO B 256 24.74 9.17 -9.13
CA PRO B 256 24.39 7.83 -8.64
C PRO B 256 24.87 7.56 -7.23
N GLY B 257 24.23 6.60 -6.56
CA GLY B 257 24.76 6.10 -5.31
C GLY B 257 23.81 6.08 -4.13
N LEU B 258 22.75 6.90 -4.14
CA LEU B 258 21.88 6.97 -2.98
C LEU B 258 21.27 5.61 -2.64
N VAL B 259 21.36 5.24 -1.38
CA VAL B 259 20.76 4.01 -0.87
C VAL B 259 19.75 4.39 0.21
N LEU B 260 18.56 3.81 0.13
CA LEU B 260 17.55 3.95 1.20
C LEU B 260 17.25 2.56 1.74
N ASP B 261 17.69 2.31 2.97
CA ASP B 261 17.51 1.02 3.63
C ASP B 261 16.21 1.02 4.41
N ILE B 262 15.43 -0.06 4.26
CA ILE B 262 14.19 -0.23 5.00
C ILE B 262 14.38 -1.11 6.23
N VAL B 263 15.48 -1.85 6.33
CA VAL B 263 15.68 -2.74 7.48
C VAL B 263 15.86 -1.98 8.80
N GLU B 264 16.73 -0.98 8.82
N GLU B 264 16.74 -0.97 8.80
CA GLU B 264 16.96 -0.22 10.04
CA GLU B 264 16.99 -0.17 10.00
C GLU B 264 15.68 0.50 10.47
C GLU B 264 15.69 0.50 10.46
N ASP B 265 14.89 0.99 9.52
CA ASP B 265 13.61 1.62 9.85
C ASP B 265 12.60 0.66 10.48
N LEU B 266 12.67 -0.61 10.14
CA LEU B 266 11.81 -1.61 10.80
C LEU B 266 12.21 -1.77 12.27
N ARG B 267 13.52 -1.86 12.51
CA ARG B 267 14.01 -1.92 13.88
C ARG B 267 13.55 -0.70 14.67
N LEU B 268 13.64 0.47 14.05
CA LEU B 268 13.29 1.71 14.72
C LEU B 268 11.79 1.79 15.09
N ILE B 269 10.91 1.49 14.15
CA ILE B 269 9.48 1.54 14.48
C ILE B 269 9.10 0.47 15.51
N ASN B 270 9.63 -0.74 15.36
CA ASN B 270 9.25 -1.83 16.26
C ASN B 270 9.70 -1.58 17.68
N THR B 271 10.86 -0.95 17.82
CA THR B 271 11.35 -0.64 19.16
C THR B 271 10.55 0.49 19.82
N GLN B 272 9.94 1.37 19.02
CA GLN B 272 9.01 2.37 19.57
C GLN B 272 7.84 1.72 20.29
N ALA B 273 7.37 0.60 19.75
CA ALA B 273 6.31 -0.16 20.39
C ALA B 273 6.82 -0.99 21.56
N ILE B 274 7.95 -1.69 21.36
CA ILE B 274 8.44 -2.63 22.36
C ILE B 274 8.71 -1.95 23.71
N PHE B 275 9.24 -0.73 23.67
CA PHE B 275 9.65 -0.05 24.90
C PHE B 275 8.65 0.96 25.46
N ALA B 276 7.43 0.95 24.93
CA ALA B 276 6.38 1.85 25.39
C ALA B 276 5.77 1.34 26.70
N LYS B 277 5.35 2.27 27.55
CA LYS B 277 4.60 1.91 28.76
C LYS B 277 3.19 1.47 28.36
N CYS B 278 2.61 2.24 27.46
CA CYS B 278 1.29 1.95 26.87
CA CYS B 278 1.29 2.00 26.90
C CYS B 278 1.34 2.45 25.44
N THR B 279 0.49 1.89 24.57
CA THR B 279 0.38 2.40 23.21
C THR B 279 -1.06 2.63 22.78
N GLY B 280 -1.24 3.61 21.92
CA GLY B 280 -2.50 3.88 21.25
C GLY B 280 -2.23 4.00 19.77
N MET B 281 -3.18 3.55 18.95
CA MET B 281 -3.07 3.64 17.50
C MET B 281 -4.25 4.44 17.00
N ILE B 282 -3.98 5.45 16.17
CA ILE B 282 -5.00 6.21 15.48
C ILE B 282 -4.64 6.08 14.02
N ILE B 283 -5.50 5.41 13.26
CA ILE B 283 -5.15 5.03 11.89
C ILE B 283 -6.24 5.51 10.95
N LEU B 284 -5.84 6.38 10.03
CA LEU B 284 -6.73 6.98 9.05
C LEU B 284 -6.43 6.30 7.71
N GLY B 285 -7.39 5.52 7.22
CA GLY B 285 -7.21 4.77 5.98
C GLY B 285 -6.58 3.42 6.25
N GLY B 286 -6.26 2.71 5.18
CA GLY B 286 -5.73 1.36 5.27
C GLY B 286 -4.39 1.21 4.57
N GLY B 287 -4.10 0.01 4.11
CA GLY B 287 -2.87 -0.27 3.38
C GLY B 287 -1.66 -0.40 4.29
N VAL B 288 -0.51 -0.01 3.76
CA VAL B 288 0.73 -0.10 4.50
C VAL B 288 0.66 0.62 5.84
N VAL B 289 0.06 1.82 5.86
CA VAL B 289 0.09 2.63 7.07
C VAL B 289 -0.60 1.91 8.23
N LYS B 290 -1.69 1.21 7.93
CA LYS B 290 -2.46 0.51 8.94
C LYS B 290 -1.72 -0.73 9.43
N HIS B 291 -1.28 -1.57 8.50
CA HIS B 291 -0.61 -2.78 8.89
C HIS B 291 0.71 -2.50 9.61
N HIS B 292 1.45 -1.49 9.15
CA HIS B 292 2.80 -1.25 9.66
C HIS B 292 2.74 -0.84 11.14
N ILE B 293 1.78 0.03 11.46
CA ILE B 293 1.56 0.44 12.85
C ILE B 293 1.06 -0.74 13.68
N ALA B 294 0.09 -1.48 13.15
CA ALA B 294 -0.50 -2.57 13.93
C ALA B 294 0.51 -3.69 14.19
N ASN B 295 1.34 -4.00 13.18
CA ASN B 295 2.36 -5.04 13.33
C ASN B 295 3.49 -4.63 14.27
N ALA B 296 3.81 -3.34 14.32
CA ALA B 296 4.77 -2.85 15.32
C ALA B 296 4.23 -3.13 16.71
N ASN B 297 2.94 -2.93 16.90
CA ASN B 297 2.32 -3.15 18.21
C ASN B 297 2.17 -4.64 18.56
N LEU B 298 2.16 -5.52 17.57
CA LEU B 298 2.23 -6.96 17.83
C LEU B 298 3.49 -7.30 18.63
N MET B 299 4.56 -6.55 18.37
CA MET B 299 5.85 -6.81 19.03
C MET B 299 5.84 -6.60 20.54
N ARG B 300 4.88 -5.84 21.06
CA ARG B 300 4.68 -5.68 22.50
C ARG B 300 3.48 -6.45 23.01
N ASN B 301 2.98 -7.35 22.16
CA ASN B 301 1.79 -8.13 22.46
C ASN B 301 0.50 -7.32 22.44
N GLY B 302 0.51 -6.22 21.70
CA GLY B 302 -0.73 -5.54 21.36
C GLY B 302 -0.86 -4.13 21.89
N ALA B 303 -1.58 -3.32 21.13
CA ALA B 303 -1.90 -1.95 21.54
C ALA B 303 -2.96 -1.93 22.63
N ASP B 304 -2.88 -0.92 23.49
CA ASP B 304 -3.85 -0.76 24.58
C ASP B 304 -5.12 -0.04 24.14
N TYR B 305 -4.97 0.84 23.16
CA TYR B 305 -6.08 1.61 22.59
C TYR B 305 -5.95 1.65 21.07
N ALA B 306 -7.08 1.70 20.37
CA ALA B 306 -7.04 1.73 18.92
C ALA B 306 -8.31 2.34 18.34
N VAL B 307 -8.12 3.30 17.44
CA VAL B 307 -9.20 3.91 16.69
C VAL B 307 -8.83 3.84 15.20
N TYR B 308 -9.68 3.20 14.41
CA TYR B 308 -9.57 3.17 12.95
C TYR B 308 -10.65 4.11 12.37
N ILE B 309 -10.28 4.94 11.40
CA ILE B 309 -11.27 5.63 10.58
C ILE B 309 -10.93 5.31 9.13
N ASN B 310 -11.75 4.48 8.50
CA ASN B 310 -11.49 4.12 7.11
C ASN B 310 -12.76 3.70 6.39
N THR B 311 -12.68 3.72 5.07
CA THR B 311 -13.81 3.44 4.18
C THR B 311 -13.73 2.04 3.59
N ALA B 312 -12.83 1.21 4.10
CA ALA B 312 -12.71 -0.16 3.61
C ALA B 312 -13.71 -1.07 4.32
N GLN B 313 -13.95 -2.25 3.72
CA GLN B 313 -14.90 -3.21 4.25
C GLN B 313 -14.23 -4.58 4.28
N GLU B 314 -14.73 -5.47 5.14
CA GLU B 314 -14.02 -6.74 5.38
C GLU B 314 -14.17 -7.76 4.27
N PHE B 315 -15.27 -7.68 3.51
CA PHE B 315 -15.72 -8.78 2.63
C PHE B 315 -14.70 -9.24 1.58
N ASP B 316 -13.79 -8.35 1.19
CA ASP B 316 -12.80 -8.66 0.16
C ASP B 316 -11.52 -9.30 0.72
N GLY B 317 -11.52 -9.58 2.02
CA GLY B 317 -10.36 -10.17 2.67
C GLY B 317 -9.21 -9.22 2.91
N SER B 318 -9.40 -7.94 2.58
CA SER B 318 -8.32 -6.95 2.62
C SER B 318 -7.86 -6.69 4.04
N ASP B 319 -6.57 -6.40 4.21
CA ASP B 319 -6.09 -5.92 5.51
C ASP B 319 -6.71 -4.55 5.80
N SER B 320 -6.82 -3.71 4.77
CA SER B 320 -7.46 -2.40 4.91
C SER B 320 -8.84 -2.48 5.57
N GLY B 321 -9.61 -3.48 5.14
CA GLY B 321 -11.00 -3.63 5.55
C GLY B 321 -11.23 -4.45 6.78
N ALA B 322 -10.16 -5.02 7.33
CA ALA B 322 -10.31 -5.88 8.49
C ALA B 322 -10.75 -5.05 9.71
N ARG B 323 -11.74 -5.58 10.43
CA ARG B 323 -12.18 -4.94 11.66
C ARG B 323 -11.07 -5.03 12.71
N PRO B 324 -11.09 -4.13 13.70
CA PRO B 324 -10.13 -4.22 14.79
C PRO B 324 -10.09 -5.62 15.43
N ASP B 325 -11.24 -6.29 15.51
CA ASP B 325 -11.25 -7.61 16.10
C ASP B 325 -10.45 -8.66 15.33
N GLU B 326 -10.19 -8.46 14.03
CA GLU B 326 -9.24 -9.36 13.38
C GLU B 326 -7.85 -9.20 13.99
N ALA B 327 -7.48 -7.95 14.27
CA ALA B 327 -6.15 -7.66 14.80
C ALA B 327 -5.94 -8.30 16.17
N VAL B 328 -7.03 -8.47 16.91
CA VAL B 328 -6.99 -9.15 18.20
C VAL B 328 -6.53 -10.61 18.03
N SER B 329 -6.96 -11.29 16.97
CA SER B 329 -6.54 -12.68 16.75
C SER B 329 -5.01 -12.80 16.61
N TRP B 330 -4.40 -11.78 16.01
CA TRP B 330 -2.96 -11.75 15.77
C TRP B 330 -2.13 -11.36 16.99
N GLY B 331 -2.76 -10.67 17.95
CA GLY B 331 -2.03 -10.06 19.05
C GLY B 331 -1.63 -8.61 18.82
N LYS B 332 -2.16 -7.99 17.77
CA LYS B 332 -1.86 -6.59 17.46
C LYS B 332 -2.63 -5.61 18.34
N ILE B 333 -3.78 -6.04 18.82
CA ILE B 333 -4.58 -5.26 19.76
C ILE B 333 -4.85 -6.18 20.94
N ARG B 334 -4.65 -5.67 22.15
CA ARG B 334 -4.84 -6.49 23.35
C ARG B 334 -6.28 -6.97 23.48
N VAL B 335 -6.46 -8.16 24.04
CA VAL B 335 -7.79 -8.76 24.20
C VAL B 335 -8.68 -7.89 25.09
N ASP B 336 -8.10 -7.20 26.05
CA ASP B 336 -8.88 -6.37 26.97
C ASP B 336 -9.05 -4.92 26.48
N ALA B 337 -8.54 -4.62 25.30
CA ALA B 337 -8.74 -3.31 24.70
C ALA B 337 -10.19 -3.19 24.22
N GLN B 338 -10.65 -1.96 24.03
CA GLN B 338 -11.98 -1.69 23.49
C GLN B 338 -11.83 -0.83 22.23
N PRO B 339 -11.31 -1.43 21.14
CA PRO B 339 -11.02 -0.68 19.93
C PRO B 339 -12.29 -0.24 19.21
N VAL B 340 -12.14 0.77 18.35
CA VAL B 340 -13.26 1.37 17.65
C VAL B 340 -12.89 1.61 16.20
N LYS B 341 -13.81 1.28 15.29
CA LYS B 341 -13.69 1.70 13.91
C LYS B 341 -14.86 2.58 13.53
N VAL B 342 -14.54 3.74 12.95
CA VAL B 342 -15.54 4.60 12.28
C VAL B 342 -15.45 4.36 10.78
N TYR B 343 -16.57 4.00 10.16
CA TYR B 343 -16.65 3.68 8.73
C TYR B 343 -17.07 4.95 8.03
N ALA B 344 -16.09 5.73 7.59
CA ALA B 344 -16.35 7.04 7.00
C ALA B 344 -15.07 7.61 6.40
N ASP B 345 -15.27 8.57 5.51
CA ASP B 345 -14.19 9.39 4.97
C ASP B 345 -13.59 10.24 6.10
N ALA B 346 -12.29 10.05 6.35
CA ALA B 346 -11.59 10.78 7.38
C ALA B 346 -11.55 12.30 7.15
N SER B 347 -11.76 12.76 5.90
CA SER B 347 -11.79 14.19 5.64
C SER B 347 -12.95 14.84 6.37
N LEU B 348 -14.03 14.10 6.57
CA LEU B 348 -15.18 14.55 7.38
C LEU B 348 -14.94 14.32 8.87
N VAL B 349 -14.46 13.14 9.22
CA VAL B 349 -14.49 12.70 10.62
C VAL B 349 -13.29 13.19 11.45
N PHE B 350 -12.12 13.27 10.84
CA PHE B 350 -10.92 13.53 11.65
C PHE B 350 -10.89 14.92 12.30
N PRO B 351 -11.29 15.98 11.56
CA PRO B 351 -11.27 17.28 12.21
C PRO B 351 -12.25 17.35 13.38
N LEU B 352 -13.40 16.68 13.25
CA LEU B 352 -14.37 16.63 14.36
C LEU B 352 -13.78 15.88 15.56
N LEU B 353 -13.09 14.77 15.28
CA LEU B 353 -12.46 13.97 16.34
C LEU B 353 -11.41 14.78 17.09
N VAL B 354 -10.54 15.46 16.35
CA VAL B 354 -9.52 16.32 16.95
C VAL B 354 -10.15 17.44 17.78
N ALA B 355 -11.21 18.06 17.27
CA ALA B 355 -11.90 19.12 18.02
C ALA B 355 -12.33 18.66 19.42
N GLU B 356 -12.78 17.42 19.52
CA GLU B 356 -13.36 16.89 20.75
C GLU B 356 -12.33 16.19 21.63
N THR B 357 -11.10 16.05 21.14
CA THR B 357 -10.07 15.33 21.87
C THR B 357 -8.80 16.16 22.10
N PHE B 358 -7.83 16.06 21.21
CA PHE B 358 -6.56 16.75 21.35
C PHE B 358 -6.69 18.26 21.53
N ALA B 359 -7.53 18.90 20.74
CA ALA B 359 -7.67 20.36 20.81
C ALA B 359 -8.29 20.82 22.13
N GLN B 360 -9.01 19.91 22.80
CA GLN B 360 -9.55 20.19 24.15
C GLN B 360 -8.51 20.17 25.25
N LYS B 361 -7.41 19.47 25.03
CA LYS B 361 -6.37 19.32 26.04
C LYS B 361 -5.16 20.15 25.68
N MET B 362 -5.36 21.16 24.85
CA MET B 362 -4.28 22.03 24.40
C MET B 362 -3.48 22.60 25.57
N ASP B 363 -4.16 23.00 26.64
CA ASP B 363 -3.51 23.53 27.84
C ASP B 363 -2.47 22.58 28.44
N ALA B 364 -2.81 21.30 28.52
CA ALA B 364 -1.91 20.28 29.08
C ALA B 364 -0.70 19.99 28.18
N PHE B 365 -0.84 20.22 26.88
CA PHE B 365 0.27 20.04 25.96
C PHE B 365 1.15 21.29 25.85
N MET B 366 0.94 22.26 26.74
CA MET B 366 1.81 23.44 26.84
C MET B 366 1.96 23.87 28.30
PA NAD C . -5.00 -4.21 1.39
O1A NAD C . -5.45 -5.60 1.79
O2A NAD C . -4.82 -3.11 2.37
O5B NAD C . -6.02 -3.70 0.25
C5B NAD C . -5.88 -2.44 -0.40
C4B NAD C . -7.14 -2.21 -1.21
O4B NAD C . -7.15 -3.18 -2.25
C3B NAD C . -8.42 -2.49 -0.42
O3B NAD C . -8.83 -1.35 0.34
C2B NAD C . -9.40 -2.91 -1.50
O2B NAD C . -10.08 -1.76 -2.01
C1B NAD C . -8.48 -3.56 -2.56
N9A NAD C . -8.66 -5.00 -2.42
C8A NAD C . -8.26 -5.76 -1.37
N7A NAD C . -8.64 -7.05 -1.53
C5A NAD C . -9.31 -7.13 -2.69
C6A NAD C . -10.00 -8.17 -3.44
N6A NAD C . -10.05 -9.43 -2.97
N1A NAD C . -10.56 -7.86 -4.62
C2A NAD C . -10.54 -6.61 -5.10
N3A NAD C . -9.94 -5.59 -4.47
C4A NAD C . -9.33 -5.79 -3.27
O3 NAD C . -3.71 -4.37 0.44
PN NAD C . -2.15 -4.60 0.76
O1N NAD C . -1.50 -3.31 0.37
O2N NAD C . -1.71 -5.87 0.09
O5D NAD C . -2.01 -4.83 2.36
C5D NAD C . -1.61 -3.80 3.28
C4D NAD C . -0.34 -4.23 4.02
O4D NAD C . -0.64 -5.39 4.82
C3D NAD C . 0.79 -4.62 3.09
O3D NAD C . 1.96 -3.83 3.32
C2D NAD C . 1.04 -6.09 3.41
O2D NAD C . 2.39 -6.56 3.31
C1D NAD C . 0.51 -6.22 4.83
N1N NAD C . 0.27 -7.63 5.05
C2N NAD C . -0.84 -8.20 4.53
C3N NAD C . -1.07 -9.56 4.68
C7N NAD C . -2.31 -10.17 4.10
O7N NAD C . -3.26 -9.46 3.75
N7N NAD C . -2.37 -11.50 3.96
C4N NAD C . -0.10 -10.32 5.35
C5N NAD C . 1.04 -9.70 5.88
C6N NAD C . 1.20 -8.35 5.69
N1 GC7 D . 4.43 10.56 -10.59
C1 GC7 D . 3.67 10.74 -9.31
C2 GC7 D . 2.22 10.33 -9.53
C3 GC7 D . 1.37 10.55 -8.27
C4 GC7 D . -0.07 10.15 -8.55
C5 GC7 D . -0.94 10.25 -7.30
C6 GC7 D . -2.40 10.03 -7.65
C7 GC7 D . -3.21 9.98 -6.35
N8 GC7 D . -4.63 9.80 -6.68
C9 GC7 D . -5.59 9.71 -5.68
NH1 GC7 D . -5.24 9.64 -4.35
NH2 GC7 D . -6.93 9.65 -6.03
C1 MPD E . -25.58 -30.48 -22.31
C2 MPD E . -26.17 -29.18 -22.82
O2 MPD E . -27.49 -29.03 -22.28
CM MPD E . -25.30 -28.02 -22.34
C3 MPD E . -26.15 -29.18 -24.34
C4 MPD E . -27.33 -28.57 -25.08
O4 MPD E . -27.97 -27.53 -24.33
C5 MPD E . -26.92 -28.03 -26.44
PA NAD F . -4.87 4.30 -0.75
O1A NAD F . -5.23 5.69 -1.23
O2A NAD F . -4.50 3.11 -1.53
O5B NAD F . -6.01 3.88 0.33
C5B NAD F . -5.99 2.61 0.93
C4B NAD F . -7.33 2.43 1.59
O4B NAD F . -7.42 3.37 2.66
C3B NAD F . -8.50 2.74 0.65
O3B NAD F . -8.87 1.61 -0.14
C2B NAD F . -9.56 3.18 1.63
O2B NAD F . -10.35 2.06 2.03
C1B NAD F . -8.75 3.79 2.81
N9A NAD F . -8.90 5.26 2.67
C8A NAD F . -8.38 5.99 1.68
N7A NAD F . -8.74 7.29 1.78
C5A NAD F . -9.55 7.36 2.85
C6A NAD F . -10.28 8.44 3.50
N6A NAD F . -10.27 9.68 3.00
N1A NAD F . -10.97 8.13 4.62
C2A NAD F . -11.01 6.89 5.10
N3A NAD F . -10.38 5.84 4.55
C4A NAD F . -9.64 6.04 3.44
O3 NAD F . -3.70 4.60 0.31
PN NAD F . -2.12 4.81 0.12
O1N NAD F . -1.50 3.53 0.59
O2N NAD F . -1.73 6.02 0.86
O5D NAD F . -1.81 5.05 -1.46
C5D NAD F . -1.32 3.97 -2.25
C4D NAD F . 0.01 4.39 -2.86
O4D NAD F . -0.21 5.52 -3.71
C3D NAD F . 1.07 4.77 -1.82
O3D NAD F . 2.23 3.96 -1.91
C2D NAD F . 1.32 6.24 -2.14
O2D NAD F . 2.65 6.69 -1.84
C1D NAD F . 0.94 6.35 -3.63
N1N NAD F . 0.74 7.76 -3.88
C2N NAD F . -0.40 8.36 -3.49
C3N NAD F . -0.56 9.72 -3.66
C7N NAD F . -1.85 10.34 -3.21
O7N NAD F . -2.81 9.60 -2.96
N7N NAD F . -1.92 11.66 -3.08
C4N NAD F . 0.48 10.48 -4.22
C5N NAD F . 1.66 9.83 -4.61
C6N NAD F . 1.77 8.48 -4.41
N1 GC7 G . 3.17 -10.40 12.05
C1 GC7 G . 2.53 -10.51 10.71
C2 GC7 G . 1.09 -10.10 10.82
C3 GC7 G . 0.37 -10.33 9.51
C4 GC7 G . -1.10 -9.99 9.62
C5 GC7 G . -1.82 -10.05 8.28
C6 GC7 G . -3.30 -9.77 8.45
C7 GC7 G . -3.98 -9.73 7.09
N8 GC7 G . -5.44 -9.61 7.26
C9 GC7 G . -6.28 -9.53 6.17
NH1 GC7 G . -5.77 -9.51 4.88
NH2 GC7 G . -7.65 -9.46 6.36
#